data_3JWR
#
_entry.id   3JWR
#
_cell.length_a   47.257
_cell.length_b   125.651
_cell.length_c   153.854
_cell.angle_alpha   90.00
_cell.angle_beta   90.00
_cell.angle_gamma   90.00
#
_symmetry.space_group_name_H-M   'P 21 21 21'
#
loop_
_entity.id
_entity.type
_entity.pdbx_description
1 polymer "cGMP-specific 3',5'-cyclic phosphodiesterase catalytic domain, Cone cGMP-specific 3',5'-cyclic phosphodiesterase subunit alpha chimera"
2 polymer "Retinal rod rhodopsin-sensitive cGMP 3',5'-cyclic phosphodiesterase subunit gamma"
3 non-polymer 'ZINC ION'
4 non-polymer 'MAGNESIUM ION'
5 non-polymer 3-ISOBUTYL-1-METHYLXANTHINE
6 water water
#
loop_
_entity_poly.entity_id
_entity_poly.type
_entity_poly.pdbx_seq_one_letter_code
_entity_poly.pdbx_strand_id
1 'polypeptide(L)'
;GSHMEETRELQSLAAAVVPSAQTLKITDFSFSDFELSDLETALCTIRMFTDLNLVQNFQMKHEVLCRWILSVKKNYRKNV
AYHNWRHAFNTAQCMFAALKAGKIQNKLTDLEILALLIAALSHDLDHRGVNNSYIQRSEHPLAQLYCHSIMEHHHFDQCL
MILNSPGNQILSGLSIEEYKTTLKIIKQAILATDLALYIKRRGEFFELIRKNQFNLEDPHQKELFLAMLMTACDLSAITK
PWPIQQRIAELVATEFWEQGDLERTVLQQQPIPMMDRNKRDELPKLQVGFIDFVCTQLYEALTHVSEDCFPLLDGCRKNR
QKWQALAEQQ
;
A,B
2 'polypeptide(L)' WEAFNHLELHELAQYGII C,D
#
loop_
_chem_comp.id
_chem_comp.type
_chem_comp.name
_chem_comp.formula
IBM non-polymer 3-ISOBUTYL-1-METHYLXANTHINE 'C10 H14 N4 O2'
MG non-polymer 'MAGNESIUM ION' 'Mg 2'
ZN non-polymer 'ZINC ION' 'Zn 2'
#
# COMPACT_ATOMS: atom_id res chain seq x y z
N THR A 7 -24.26 3.44 19.00
CA THR A 7 -23.89 3.39 20.42
C THR A 7 -23.03 2.19 20.79
N ARG A 8 -23.30 1.04 20.17
CA ARG A 8 -22.41 -0.10 20.28
C ARG A 8 -21.06 0.22 19.63
N GLU A 9 -21.08 1.04 18.58
CA GLU A 9 -19.87 1.44 17.88
C GLU A 9 -18.93 2.09 18.87
N LEU A 10 -19.52 2.80 19.83
CA LEU A 10 -18.76 3.45 20.88
C LEU A 10 -18.24 2.43 21.88
N GLN A 11 -19.09 1.48 22.24
CA GLN A 11 -18.68 0.39 23.12
C GLN A 11 -17.43 -0.30 22.57
N SER A 12 -17.55 -0.86 21.36
CA SER A 12 -16.43 -1.56 20.73
C SER A 12 -15.19 -0.70 20.57
N LEU A 13 -15.35 0.58 20.26
CA LEU A 13 -14.20 1.46 20.03
C LEU A 13 -13.51 1.84 21.31
N ALA A 14 -14.29 2.26 22.31
CA ALA A 14 -13.73 2.74 23.56
C ALA A 14 -13.23 1.59 24.44
N ALA A 15 -12.81 0.51 23.81
CA ALA A 15 -12.39 -0.67 24.56
C ALA A 15 -11.39 -1.50 23.75
N ALA A 16 -11.12 -1.06 22.52
CA ALA A 16 -10.14 -1.73 21.68
C ALA A 16 -8.76 -1.14 21.92
N VAL A 17 -7.73 -1.95 21.74
CA VAL A 17 -6.35 -1.47 21.86
C VAL A 17 -5.98 -0.62 20.65
N VAL A 18 -5.43 0.55 20.91
CA VAL A 18 -4.94 1.41 19.86
C VAL A 18 -3.51 0.97 19.50
N PRO A 19 -3.34 0.44 18.27
CA PRO A 19 -2.01 -0.02 17.83
C PRO A 19 -1.03 1.15 17.74
N SER A 20 0.27 0.84 17.63
CA SER A 20 1.27 1.88 17.61
C SER A 20 1.22 2.63 16.27
N ALA A 21 1.88 3.77 16.21
CA ALA A 21 1.91 4.55 14.99
C ALA A 21 2.71 3.80 13.93
N GLN A 22 3.74 3.09 14.38
CA GLN A 22 4.55 2.28 13.48
C GLN A 22 3.67 1.24 12.82
N THR A 23 2.93 0.51 13.66
CA THR A 23 1.98 -0.52 13.22
C THR A 23 1.02 0.03 12.16
N LEU A 24 0.54 1.24 12.41
CA LEU A 24 -0.51 1.82 11.59
C LEU A 24 0.04 2.53 10.35
N LYS A 25 1.36 2.61 10.25
CA LYS A 25 2.04 3.30 9.15
C LYS A 25 1.48 4.68 8.88
N ILE A 26 1.04 5.37 9.93
CA ILE A 26 0.47 6.72 9.78
C ILE A 26 1.55 7.77 9.80
N THR A 27 2.78 7.34 10.03
CA THR A 27 3.93 8.24 10.04
C THR A 27 4.40 8.52 8.61
N ASP A 28 3.75 7.87 7.65
CA ASP A 28 4.19 7.89 6.26
C ASP A 28 3.42 8.89 5.41
N PHE A 29 4.16 9.60 4.54
CA PHE A 29 3.55 10.50 3.57
C PHE A 29 2.94 9.73 2.41
N SER A 30 3.27 8.44 2.36
CA SER A 30 2.90 7.58 1.25
C SER A 30 1.77 6.64 1.68
N PHE A 31 1.11 7.04 2.76
CA PHE A 31 0.11 6.24 3.44
C PHE A 31 -1.23 6.20 2.72
N SER A 32 -1.95 5.10 2.86
CA SER A 32 -3.22 4.89 2.18
C SER A 32 -4.25 4.30 3.13
N ASP A 33 -5.51 4.66 2.92
CA ASP A 33 -6.60 4.19 3.78
C ASP A 33 -7.47 3.12 3.10
N PHE A 34 -7.38 3.07 1.77
CA PHE A 34 -8.15 2.15 0.93
C PHE A 34 -8.53 0.84 1.62
N GLU A 35 -7.59 0.27 2.36
CA GLU A 35 -7.75 -1.07 2.95
C GLU A 35 -8.17 -1.07 4.41
N LEU A 36 -8.25 0.10 5.02
CA LEU A 36 -8.67 0.18 6.41
C LEU A 36 -10.18 0.09 6.54
N SER A 37 -10.64 -0.37 7.70
CA SER A 37 -12.06 -0.39 8.00
C SER A 37 -12.41 0.96 8.55
N ASP A 38 -13.68 1.18 8.86
CA ASP A 38 -14.06 2.40 9.54
C ASP A 38 -13.46 2.43 10.95
N LEU A 39 -13.59 1.34 11.66
CA LEU A 39 -13.13 1.30 13.03
C LEU A 39 -11.64 1.58 13.11
N GLU A 40 -10.91 1.09 12.11
CA GLU A 40 -9.47 1.26 12.10
C GLU A 40 -9.10 2.73 11.99
N THR A 41 -9.76 3.42 11.07
CA THR A 41 -9.48 4.85 10.88
C THR A 41 -9.66 5.67 12.18
N ALA A 42 -10.79 5.48 12.84
CA ALA A 42 -11.01 6.05 14.16
C ALA A 42 -9.83 5.75 15.11
N LEU A 43 -9.35 4.51 15.07
CA LEU A 43 -8.27 4.09 15.95
C LEU A 43 -7.03 4.90 15.66
N CYS A 44 -6.68 5.04 14.38
CA CYS A 44 -5.55 5.85 13.96
C CYS A 44 -5.62 7.23 14.56
N THR A 45 -6.75 7.89 14.32
CA THR A 45 -7.09 9.15 14.94
C THR A 45 -6.71 9.23 16.42
N ILE A 46 -7.12 8.25 17.20
CA ILE A 46 -6.83 8.23 18.63
C ILE A 46 -5.33 8.19 18.88
N ARG A 47 -4.64 7.35 18.10
CA ARG A 47 -3.18 7.25 18.12
C ARG A 47 -2.56 8.60 17.79
N MET A 48 -3.17 9.31 16.86
CA MET A 48 -2.72 10.64 16.46
C MET A 48 -2.71 11.59 17.65
N PHE A 49 -3.89 11.76 18.25
CA PHE A 49 -4.03 12.58 19.44
C PHE A 49 -3.08 12.16 20.56
N THR A 50 -3.02 10.86 20.79
CA THR A 50 -2.13 10.29 21.79
C THR A 50 -0.66 10.63 21.55
N ASP A 51 -0.18 10.44 20.32
CA ASP A 51 1.24 10.52 20.06
C ASP A 51 1.68 11.95 19.87
N LEU A 52 0.71 12.85 19.76
CA LEU A 52 1.02 14.28 19.75
C LEU A 52 0.95 14.85 21.16
N ASN A 53 0.78 13.98 22.14
CA ASN A 53 0.71 14.35 23.54
C ASN A 53 -0.54 15.16 23.87
N LEU A 54 -1.42 15.33 22.89
CA LEU A 54 -2.64 16.09 23.12
C LEU A 54 -3.48 15.45 24.20
N VAL A 55 -3.53 14.13 24.23
CA VAL A 55 -4.41 13.43 25.14
C VAL A 55 -4.04 13.65 26.61
N GLN A 56 -2.75 13.65 26.90
CA GLN A 56 -2.26 13.79 28.27
C GLN A 56 -2.15 15.24 28.72
N ASN A 57 -1.75 16.12 27.82
CA ASN A 57 -1.54 17.52 28.18
C ASN A 57 -2.82 18.31 28.32
N PHE A 58 -3.94 17.72 27.90
CA PHE A 58 -5.26 18.36 27.96
C PHE A 58 -6.34 17.47 28.59
N GLN A 59 -5.89 16.54 29.44
CA GLN A 59 -6.77 15.79 30.33
C GLN A 59 -7.99 15.23 29.62
N MET A 60 -7.77 14.66 28.44
CA MET A 60 -8.85 14.06 27.69
C MET A 60 -9.18 12.67 28.23
N LYS A 61 -10.47 12.38 28.36
CA LYS A 61 -10.92 11.07 28.81
C LYS A 61 -11.16 10.20 27.58
N HIS A 62 -10.61 8.99 27.61
CA HIS A 62 -10.75 8.09 26.48
C HIS A 62 -12.20 8.05 26.02
N GLU A 63 -13.10 7.92 26.99
CA GLU A 63 -14.53 7.89 26.73
C GLU A 63 -14.98 9.02 25.79
N VAL A 64 -14.64 10.25 26.18
CA VAL A 64 -15.07 11.45 25.50
C VAL A 64 -14.50 11.57 24.08
N LEU A 65 -13.18 11.54 23.99
CA LEU A 65 -12.52 11.61 22.68
C LEU A 65 -13.18 10.67 21.67
N CYS A 66 -13.42 9.44 22.10
CA CYS A 66 -14.06 8.42 21.28
C CYS A 66 -15.41 8.83 20.77
N ARG A 67 -16.29 9.28 21.68
CA ARG A 67 -17.59 9.77 21.26
C ARG A 67 -17.42 10.88 20.22
N TRP A 68 -16.68 11.91 20.58
CA TRP A 68 -16.38 12.99 19.65
C TRP A 68 -15.96 12.50 18.26
N ILE A 69 -14.86 11.76 18.19
CA ILE A 69 -14.37 11.25 16.92
C ILE A 69 -15.49 10.63 16.13
N LEU A 70 -16.24 9.76 16.80
CA LEU A 70 -17.33 9.05 16.16
C LEU A 70 -18.32 10.02 15.59
N SER A 71 -18.54 11.12 16.31
CA SER A 71 -19.53 12.10 15.94
C SER A 71 -19.14 12.80 14.65
N VAL A 72 -17.88 13.21 14.56
CA VAL A 72 -17.37 13.79 13.35
C VAL A 72 -17.53 12.82 12.18
N LYS A 73 -17.22 11.56 12.42
CA LYS A 73 -17.31 10.51 11.40
C LYS A 73 -18.69 10.44 10.79
N LYS A 74 -19.70 10.47 11.66
CA LYS A 74 -21.10 10.35 11.25
C LYS A 74 -21.65 11.64 10.64
N ASN A 75 -20.88 12.72 10.72
CA ASN A 75 -21.33 14.01 10.21
C ASN A 75 -20.72 14.36 8.87
N TYR A 76 -19.98 13.43 8.33
CA TYR A 76 -19.58 13.50 6.94
C TYR A 76 -20.56 12.66 6.15
N ARG A 77 -20.95 13.18 4.99
CA ARG A 77 -21.98 12.53 4.18
C ARG A 77 -21.43 11.37 3.40
N LYS A 78 -22.12 10.24 3.47
CA LYS A 78 -21.70 9.01 2.85
C LYS A 78 -21.88 9.08 1.34
N ASN A 79 -23.05 9.56 0.92
CA ASN A 79 -23.40 9.69 -0.49
C ASN A 79 -22.49 10.62 -1.31
N VAL A 80 -21.64 11.38 -0.62
CA VAL A 80 -20.77 12.36 -1.25
C VAL A 80 -19.43 11.78 -1.68
N ALA A 81 -19.12 11.94 -2.96
CA ALA A 81 -18.05 11.19 -3.63
C ALA A 81 -16.64 11.27 -3.02
N TYR A 82 -16.05 12.46 -2.96
CA TYR A 82 -14.69 12.63 -2.44
C TYR A 82 -14.70 13.26 -1.04
N HIS A 83 -15.58 14.25 -0.86
CA HIS A 83 -15.66 15.03 0.37
C HIS A 83 -16.45 14.33 1.48
N ASN A 84 -16.03 13.10 1.77
CA ASN A 84 -16.56 12.32 2.88
C ASN A 84 -15.52 12.22 3.98
N TRP A 85 -15.79 11.37 4.96
CA TRP A 85 -14.91 11.22 6.13
C TRP A 85 -13.47 10.82 5.81
N ARG A 86 -13.29 9.97 4.81
CA ARG A 86 -11.96 9.49 4.46
C ARG A 86 -11.10 10.64 3.93
N HIS A 87 -11.74 11.71 3.48
CA HIS A 87 -10.97 12.91 3.10
C HIS A 87 -10.48 13.65 4.37
N ALA A 88 -11.37 13.86 5.33
CA ALA A 88 -10.99 14.52 6.57
C ALA A 88 -9.89 13.73 7.24
N PHE A 89 -10.01 12.42 7.15
CA PHE A 89 -9.08 11.51 7.77
C PHE A 89 -7.72 11.53 7.08
N ASN A 90 -7.71 11.40 5.76
CA ASN A 90 -6.47 11.47 4.98
C ASN A 90 -5.72 12.80 5.13
N THR A 91 -6.47 13.83 5.49
CA THR A 91 -5.94 15.16 5.67
C THR A 91 -5.25 15.23 7.00
N ALA A 92 -5.96 14.78 8.03
CA ALA A 92 -5.43 14.78 9.38
C ALA A 92 -4.19 13.89 9.51
N GLN A 93 -4.13 12.82 8.71
CA GLN A 93 -2.98 11.94 8.74
C GLN A 93 -1.80 12.60 8.07
N CYS A 94 -2.08 13.30 6.98
CA CYS A 94 -1.06 14.10 6.33
C CYS A 94 -0.57 15.11 7.34
N MET A 95 -1.50 15.85 7.91
CA MET A 95 -1.21 16.80 8.97
C MET A 95 -0.35 16.16 10.06
N PHE A 96 -0.74 14.97 10.51
CA PHE A 96 0.02 14.26 11.52
C PHE A 96 1.42 13.92 11.02
N ALA A 97 1.50 13.38 9.79
CA ALA A 97 2.79 13.02 9.21
C ALA A 97 3.70 14.23 9.11
N ALA A 98 3.12 15.38 8.77
CA ALA A 98 3.86 16.63 8.65
C ALA A 98 4.56 17.01 9.95
N LEU A 99 3.84 16.92 11.06
CA LEU A 99 4.34 17.30 12.38
C LEU A 99 5.41 16.36 12.91
N LYS A 100 5.28 15.09 12.58
CA LYS A 100 6.20 14.06 13.04
C LYS A 100 7.39 13.92 12.09
N ALA A 101 7.20 13.16 11.03
CA ALA A 101 8.29 12.89 10.09
C ALA A 101 8.82 14.18 9.47
N GLY A 102 7.91 15.09 9.13
CA GLY A 102 8.31 16.37 8.55
C GLY A 102 8.93 17.26 9.61
N LYS A 103 8.79 16.87 10.88
CA LYS A 103 9.41 17.58 12.00
C LYS A 103 9.02 19.05 12.08
N ILE A 104 7.79 19.30 12.55
CA ILE A 104 7.31 20.66 12.71
C ILE A 104 6.81 20.87 14.14
N GLN A 105 6.36 19.78 14.75
CA GLN A 105 5.97 19.78 16.15
C GLN A 105 6.94 20.66 16.92
N ASN A 106 8.23 20.40 16.76
CA ASN A 106 9.28 21.14 17.46
C ASN A 106 9.30 22.64 17.14
N LYS A 107 8.37 23.07 16.31
CA LYS A 107 8.36 24.46 15.86
C LYS A 107 7.15 25.24 16.35
N LEU A 108 6.19 24.54 16.98
CA LEU A 108 5.00 25.23 17.47
C LEU A 108 4.39 24.67 18.74
N THR A 109 3.51 25.46 19.33
CA THR A 109 2.97 25.21 20.67
C THR A 109 1.98 24.06 20.70
N ASP A 110 1.65 23.64 21.92
CA ASP A 110 0.71 22.55 22.11
C ASP A 110 -0.70 23.01 21.77
N LEU A 111 -0.96 24.30 21.97
CA LEU A 111 -2.26 24.84 21.64
C LEU A 111 -2.45 24.84 20.14
N GLU A 112 -1.36 25.10 19.41
CA GLU A 112 -1.43 25.14 17.97
C GLU A 112 -1.61 23.75 17.38
N ILE A 113 -0.87 22.79 17.91
CA ILE A 113 -0.95 21.41 17.41
C ILE A 113 -2.36 20.84 17.59
N LEU A 114 -2.89 20.96 18.79
CA LEU A 114 -4.26 20.54 19.07
C LEU A 114 -5.24 21.13 18.06
N ALA A 115 -5.12 22.44 17.86
CA ALA A 115 -6.00 23.19 16.98
C ALA A 115 -5.93 22.71 15.52
N LEU A 116 -4.72 22.40 15.08
CA LEU A 116 -4.53 21.98 13.70
C LEU A 116 -5.17 20.63 13.46
N LEU A 117 -5.08 19.77 14.46
CA LEU A 117 -5.58 18.41 14.33
C LEU A 117 -7.11 18.42 14.32
N ILE A 118 -7.67 19.12 15.30
CA ILE A 118 -9.10 19.22 15.38
C ILE A 118 -9.64 19.84 14.11
N ALA A 119 -8.94 20.87 13.61
CA ALA A 119 -9.33 21.58 12.39
C ALA A 119 -9.29 20.66 11.18
N ALA A 120 -8.14 20.00 10.98
CA ALA A 120 -7.90 19.10 9.85
C ALA A 120 -9.00 18.07 9.73
N LEU A 121 -9.44 17.58 10.88
CA LEU A 121 -10.48 16.56 10.97
C LEU A 121 -11.85 17.03 10.56
N SER A 122 -12.15 18.29 10.82
CA SER A 122 -13.49 18.82 10.61
C SER A 122 -13.59 19.92 9.57
N HIS A 123 -12.52 20.12 8.81
CA HIS A 123 -12.46 21.22 7.84
C HIS A 123 -13.52 21.17 6.75
N ASP A 124 -14.23 20.05 6.60
CA ASP A 124 -15.21 19.93 5.53
C ASP A 124 -16.54 19.36 6.00
N LEU A 125 -16.83 19.46 7.29
CA LEU A 125 -18.02 18.84 7.86
C LEU A 125 -19.28 19.14 7.06
N ASP A 126 -20.11 18.11 6.83
CA ASP A 126 -21.41 18.31 6.18
C ASP A 126 -21.26 18.86 4.77
N HIS A 127 -20.08 18.65 4.17
CA HIS A 127 -19.87 19.08 2.80
C HIS A 127 -20.85 18.32 1.97
N ARG A 128 -21.61 19.04 1.15
CA ARG A 128 -22.67 18.46 0.35
C ARG A 128 -22.25 18.29 -1.12
N GLY A 129 -20.96 18.02 -1.33
CA GLY A 129 -20.44 17.67 -2.64
C GLY A 129 -20.59 18.74 -3.71
N VAL A 130 -20.29 19.98 -3.34
CA VAL A 130 -20.50 21.12 -4.22
C VAL A 130 -19.68 22.31 -3.73
N ASN A 131 -19.14 23.08 -4.67
CA ASN A 131 -18.20 24.14 -4.33
C ASN A 131 -18.87 25.45 -3.95
N ASN A 132 -18.11 26.34 -3.33
CA ASN A 132 -18.62 27.65 -2.94
C ASN A 132 -19.23 28.40 -4.09
N SER A 133 -18.62 28.25 -5.26
CA SER A 133 -19.08 28.92 -6.46
C SER A 133 -20.54 28.55 -6.76
N TYR A 134 -20.85 27.27 -6.66
CA TYR A 134 -22.16 26.80 -7.01
C TYR A 134 -23.21 27.30 -6.05
N ILE A 135 -22.99 27.08 -4.76
CA ILE A 135 -23.96 27.44 -3.72
C ILE A 135 -24.27 28.93 -3.77
N GLN A 136 -23.26 29.73 -4.13
CA GLN A 136 -23.45 31.16 -4.31
C GLN A 136 -24.39 31.43 -5.50
N ARG A 137 -24.07 30.81 -6.64
CA ARG A 137 -24.80 31.08 -7.89
C ARG A 137 -26.20 30.49 -7.93
N SER A 138 -26.48 29.55 -7.03
CA SER A 138 -27.80 28.91 -6.95
C SER A 138 -28.64 29.50 -5.83
N GLU A 139 -28.11 30.56 -5.21
CA GLU A 139 -28.78 31.20 -4.08
C GLU A 139 -29.25 30.19 -3.05
N HIS A 140 -28.31 29.39 -2.56
CA HIS A 140 -28.57 28.52 -1.44
C HIS A 140 -28.68 29.40 -0.20
N PRO A 141 -29.53 29.01 0.77
CA PRO A 141 -29.78 29.82 1.97
C PRO A 141 -28.53 30.01 2.80
N LEU A 142 -27.57 29.11 2.57
CA LEU A 142 -26.29 29.16 3.23
C LEU A 142 -25.51 30.37 2.73
N ALA A 143 -25.80 30.77 1.50
CA ALA A 143 -25.18 31.93 0.89
C ALA A 143 -25.77 33.20 1.47
N GLN A 144 -27.04 33.13 1.82
CA GLN A 144 -27.75 34.25 2.42
C GLN A 144 -27.23 34.46 3.82
N LEU A 145 -26.94 33.35 4.49
CA LEU A 145 -26.43 33.38 5.86
C LEU A 145 -25.00 33.88 5.99
N TYR A 146 -24.07 33.29 5.24
CA TYR A 146 -22.66 33.66 5.30
C TYR A 146 -22.22 34.53 4.11
N CYS A 147 -21.18 35.34 4.34
CA CYS A 147 -20.71 36.29 3.34
C CYS A 147 -19.70 35.68 2.39
N HIS A 148 -18.47 35.53 2.88
CA HIS A 148 -17.36 34.96 2.13
C HIS A 148 -16.96 33.66 2.78
N SER A 149 -16.30 32.79 2.02
CA SER A 149 -15.90 31.47 2.50
C SER A 149 -17.09 30.72 3.09
N ILE A 150 -18.22 30.86 2.41
CA ILE A 150 -19.48 30.24 2.82
C ILE A 150 -19.35 28.84 3.41
N MET A 151 -18.92 27.88 2.61
CA MET A 151 -18.89 26.50 3.06
C MET A 151 -18.00 26.35 4.27
N GLU A 152 -16.82 26.96 4.19
CA GLU A 152 -15.84 26.88 5.26
C GLU A 152 -16.36 27.48 6.58
N HIS A 153 -17.22 28.49 6.48
CA HIS A 153 -17.85 29.03 7.67
C HIS A 153 -18.77 27.98 8.26
N HIS A 154 -19.47 27.27 7.38
CA HIS A 154 -20.39 26.22 7.78
C HIS A 154 -19.64 25.04 8.42
N HIS A 155 -18.57 24.59 7.76
CA HIS A 155 -17.77 23.49 8.28
C HIS A 155 -17.42 23.77 9.73
N PHE A 156 -17.10 25.03 10.03
CA PHE A 156 -16.74 25.46 11.39
C PHE A 156 -17.93 25.55 12.35
N ASP A 157 -19.01 26.17 11.90
CA ASP A 157 -20.26 26.18 12.65
C ASP A 157 -20.56 24.75 13.16
N GLN A 158 -20.25 23.76 12.33
CA GLN A 158 -20.49 22.35 12.64
C GLN A 158 -19.49 21.81 13.68
N CYS A 159 -18.21 21.95 13.36
CA CYS A 159 -17.15 21.59 14.27
C CYS A 159 -17.47 22.04 15.69
N LEU A 160 -17.90 23.29 15.80
CA LEU A 160 -18.15 23.93 17.08
C LEU A 160 -19.40 23.37 17.73
N MET A 161 -20.41 23.13 16.92
CA MET A 161 -21.62 22.54 17.42
C MET A 161 -21.28 21.23 18.11
N ILE A 162 -20.40 20.45 17.48
CA ILE A 162 -20.07 19.13 18.00
C ILE A 162 -19.24 19.18 19.28
N LEU A 163 -18.32 20.13 19.34
CA LEU A 163 -17.49 20.30 20.53
C LEU A 163 -18.29 20.75 21.73
N ASN A 164 -19.44 21.38 21.47
CA ASN A 164 -20.30 21.84 22.55
C ASN A 164 -21.31 20.78 22.92
N SER A 165 -21.38 19.73 22.11
CA SER A 165 -22.21 18.57 22.40
C SER A 165 -21.78 17.92 23.70
N PRO A 166 -22.72 17.30 24.42
CA PRO A 166 -22.47 16.64 25.71
C PRO A 166 -21.71 15.32 25.56
N GLY A 167 -20.64 15.15 26.32
CA GLY A 167 -19.80 13.98 26.18
C GLY A 167 -18.96 14.04 24.94
N ASN A 168 -18.75 15.25 24.42
CA ASN A 168 -17.91 15.46 23.25
C ASN A 168 -16.91 16.57 23.49
N GLN A 169 -17.08 17.25 24.64
CA GLN A 169 -16.18 18.31 25.06
C GLN A 169 -14.77 17.77 25.28
N ILE A 170 -14.08 17.47 24.19
CA ILE A 170 -12.71 16.99 24.29
C ILE A 170 -11.82 18.14 24.74
N LEU A 171 -12.36 19.35 24.70
CA LEU A 171 -11.63 20.52 25.17
C LEU A 171 -11.92 20.88 26.61
N SER A 172 -12.88 20.19 27.21
CA SER A 172 -13.36 20.52 28.54
C SER A 172 -12.23 20.82 29.53
N GLY A 173 -11.06 20.23 29.30
CA GLY A 173 -9.94 20.35 30.22
C GLY A 173 -9.16 21.65 30.16
N LEU A 174 -9.48 22.48 29.18
CA LEU A 174 -8.73 23.71 28.94
C LEU A 174 -9.16 24.86 29.82
N SER A 175 -8.19 25.64 30.29
CA SER A 175 -8.50 26.89 30.96
C SER A 175 -9.32 27.72 29.98
N ILE A 176 -10.12 28.62 30.51
CA ILE A 176 -11.02 29.39 29.66
C ILE A 176 -10.23 30.21 28.63
N GLU A 177 -9.06 30.69 29.04
CA GLU A 177 -8.19 31.43 28.14
C GLU A 177 -7.66 30.53 27.03
N GLU A 178 -7.20 29.34 27.40
CA GLU A 178 -6.75 28.36 26.43
C GLU A 178 -7.87 28.10 25.43
N TYR A 179 -8.94 27.49 25.91
CA TYR A 179 -10.13 27.23 25.09
C TYR A 179 -10.37 28.41 24.13
N LYS A 180 -10.48 29.59 24.70
CA LYS A 180 -10.80 30.79 23.93
C LYS A 180 -9.90 31.02 22.71
N THR A 181 -8.60 30.81 22.86
CA THR A 181 -7.67 31.07 21.75
C THR A 181 -7.52 29.87 20.82
N THR A 182 -7.68 28.67 21.37
CA THR A 182 -7.71 27.47 20.56
C THR A 182 -8.77 27.64 19.50
N LEU A 183 -9.97 27.95 19.94
CA LEU A 183 -11.10 28.12 19.05
C LEU A 183 -10.81 29.16 17.99
N LYS A 184 -10.11 30.21 18.38
CA LYS A 184 -9.73 31.26 17.44
C LYS A 184 -8.91 30.66 16.30
N ILE A 185 -7.82 29.99 16.65
CA ILE A 185 -6.96 29.28 15.71
C ILE A 185 -7.71 28.27 14.83
N ILE A 186 -8.62 27.51 15.44
CA ILE A 186 -9.38 26.52 14.69
C ILE A 186 -10.21 27.20 13.62
N LYS A 187 -10.85 28.31 13.98
CA LYS A 187 -11.61 29.07 13.02
C LYS A 187 -10.71 29.48 11.84
N GLN A 188 -9.58 30.10 12.17
CA GLN A 188 -8.60 30.50 11.18
C GLN A 188 -8.15 29.35 10.29
N ALA A 189 -7.94 28.18 10.89
CA ALA A 189 -7.50 27.00 10.15
C ALA A 189 -8.53 26.54 9.12
N ILE A 190 -9.75 26.31 9.59
CA ILE A 190 -10.80 25.86 8.71
C ILE A 190 -11.06 26.83 7.57
N LEU A 191 -11.11 28.12 7.89
CA LEU A 191 -11.34 29.11 6.85
C LEU A 191 -10.25 29.07 5.79
N ALA A 192 -9.02 28.90 6.25
CA ALA A 192 -7.84 28.81 5.38
C ALA A 192 -7.93 27.76 4.27
N THR A 193 -8.80 26.75 4.46
CA THR A 193 -8.98 25.68 3.48
C THR A 193 -9.85 26.13 2.32
N ASP A 194 -10.30 27.37 2.38
CA ASP A 194 -10.93 28.00 1.23
C ASP A 194 -9.83 28.36 0.22
N LEU A 195 -9.91 27.72 -0.94
CA LEU A 195 -8.93 27.88 -2.00
C LEU A 195 -8.75 29.33 -2.41
N ALA A 196 -9.81 30.11 -2.25
CA ALA A 196 -9.78 31.53 -2.61
C ALA A 196 -8.86 32.32 -1.71
N LEU A 197 -8.86 31.97 -0.42
CA LEU A 197 -7.97 32.62 0.53
C LEU A 197 -6.56 32.17 0.31
N TYR A 198 -6.40 30.88 0.03
CA TYR A 198 -5.08 30.36 -0.29
C TYR A 198 -4.46 31.19 -1.41
N ILE A 199 -5.27 31.53 -2.41
CA ILE A 199 -4.75 32.26 -3.54
C ILE A 199 -4.51 33.72 -3.20
N LYS A 200 -5.45 34.31 -2.48
CA LYS A 200 -5.37 35.73 -2.16
C LYS A 200 -4.36 36.02 -1.06
N ARG A 201 -3.69 34.98 -0.57
CA ARG A 201 -2.69 35.16 0.49
C ARG A 201 -1.32 34.57 0.18
N ARG A 202 -1.29 33.50 -0.60
CA ARG A 202 -0.05 32.77 -0.84
C ARG A 202 1.08 33.64 -1.38
N GLY A 203 0.76 34.62 -2.22
CA GLY A 203 1.78 35.47 -2.78
C GLY A 203 2.70 36.03 -1.72
N GLU A 204 2.10 36.73 -0.77
CA GLU A 204 2.78 37.25 0.41
C GLU A 204 3.83 36.25 0.91
N PHE A 205 3.35 35.06 1.24
CA PHE A 205 4.12 33.99 1.85
C PHE A 205 5.22 33.40 0.96
N PHE A 206 4.95 33.35 -0.34
CA PHE A 206 5.92 32.84 -1.32
C PHE A 206 7.17 33.73 -1.43
N GLU A 207 7.03 34.97 -0.99
CA GLU A 207 8.10 35.94 -1.10
C GLU A 207 9.00 35.89 0.11
N LEU A 208 8.40 35.85 1.29
CA LEU A 208 9.20 35.75 2.50
C LEU A 208 10.10 34.53 2.36
N ILE A 209 9.57 33.49 1.73
CA ILE A 209 10.36 32.30 1.39
C ILE A 209 11.42 32.70 0.39
N ARG A 210 10.97 33.13 -0.79
CA ARG A 210 11.88 33.54 -1.85
C ARG A 210 13.07 34.36 -1.32
N LYS A 211 12.76 35.39 -0.54
CA LYS A 211 13.75 36.33 -0.06
C LYS A 211 14.49 35.88 1.20
N ASN A 212 14.45 34.57 1.48
CA ASN A 212 15.12 34.04 2.66
C ASN A 212 14.83 34.87 3.91
N GLN A 213 13.64 35.46 3.97
CA GLN A 213 13.24 36.31 5.07
C GLN A 213 12.26 35.62 6.01
N PHE A 214 11.52 34.65 5.48
CA PHE A 214 10.52 33.95 6.26
C PHE A 214 11.03 33.36 7.57
N ASN A 215 10.28 33.61 8.64
CA ASN A 215 10.72 33.26 9.97
C ASN A 215 9.51 32.99 10.85
N LEU A 216 9.46 31.79 11.43
CA LEU A 216 8.34 31.42 12.28
C LEU A 216 8.09 32.34 13.48
N GLU A 217 9.15 32.65 14.20
CA GLU A 217 9.03 33.44 15.42
C GLU A 217 7.98 34.54 15.28
N ASP A 218 8.02 35.25 14.15
CA ASP A 218 7.06 36.31 13.91
C ASP A 218 5.65 35.78 14.06
N PRO A 219 4.92 36.27 15.07
CA PRO A 219 3.53 35.90 15.29
C PRO A 219 2.73 35.87 14.00
N HIS A 220 2.73 36.97 13.24
CA HIS A 220 1.94 37.01 12.01
C HIS A 220 2.46 36.04 10.96
N GLN A 221 3.77 36.08 10.70
CA GLN A 221 4.36 35.15 9.74
C GLN A 221 3.98 33.71 10.03
N LYS A 222 3.83 33.38 11.31
CA LYS A 222 3.43 32.05 11.73
C LYS A 222 2.00 31.71 11.29
N GLU A 223 1.04 32.54 11.70
CA GLU A 223 -0.37 32.26 11.44
C GLU A 223 -0.72 32.23 9.95
N LEU A 224 0.11 32.91 9.16
CA LEU A 224 0.00 32.82 7.72
C LEU A 224 0.40 31.42 7.31
N PHE A 225 1.59 31.03 7.72
CA PHE A 225 2.09 29.70 7.46
C PHE A 225 1.09 28.63 7.89
N LEU A 226 0.42 28.84 9.02
CA LEU A 226 -0.59 27.89 9.49
C LEU A 226 -1.73 27.73 8.49
N ALA A 227 -2.12 28.82 7.86
CA ALA A 227 -3.06 28.75 6.75
C ALA A 227 -2.48 27.89 5.64
N MET A 228 -1.27 28.24 5.19
CA MET A 228 -0.61 27.50 4.11
C MET A 228 -0.48 25.99 4.38
N LEU A 229 -0.27 25.65 5.65
CA LEU A 229 -0.14 24.26 6.08
C LEU A 229 -1.45 23.51 5.94
N MET A 230 -2.53 24.18 6.31
CA MET A 230 -3.87 23.64 6.12
C MET A 230 -4.09 23.25 4.66
N THR A 231 -4.02 24.21 3.75
CA THR A 231 -4.10 23.93 2.32
C THR A 231 -3.22 22.75 1.94
N ALA A 232 -1.94 22.83 2.28
CA ALA A 232 -1.00 21.74 2.09
C ALA A 232 -1.55 20.33 2.34
N CYS A 233 -2.17 20.13 3.50
CA CYS A 233 -2.76 18.85 3.87
C CYS A 233 -4.11 18.58 3.19
N ASP A 234 -4.91 19.63 3.04
CA ASP A 234 -6.25 19.57 2.45
C ASP A 234 -6.24 18.91 1.06
N LEU A 235 -5.16 19.13 0.31
CA LEU A 235 -5.07 18.50 -1.00
C LEU A 235 -3.83 17.63 -1.16
N SER A 236 -3.34 17.12 -0.03
CA SER A 236 -2.18 16.25 0.00
C SER A 236 -2.36 15.05 -0.91
N ALA A 237 -3.61 14.77 -1.25
CA ALA A 237 -3.96 13.62 -2.04
C ALA A 237 -3.16 13.59 -3.33
N ILE A 238 -2.88 14.79 -3.84
CA ILE A 238 -2.14 14.97 -5.08
C ILE A 238 -0.66 14.54 -4.98
N THR A 239 -0.20 14.26 -3.76
CA THR A 239 1.18 13.88 -3.51
C THR A 239 1.31 12.38 -3.22
N LYS A 240 0.32 11.63 -3.66
CA LYS A 240 0.27 10.21 -3.34
C LYS A 240 0.88 9.38 -4.46
N PRO A 241 1.30 8.15 -4.13
CA PRO A 241 1.76 7.22 -5.16
C PRO A 241 0.76 7.20 -6.30
N TRP A 242 1.23 6.96 -7.52
CA TRP A 242 0.35 7.04 -8.68
C TRP A 242 -0.96 6.23 -8.58
N PRO A 243 -0.87 4.97 -8.16
CA PRO A 243 -2.04 4.10 -8.05
C PRO A 243 -3.10 4.64 -7.11
N ILE A 244 -2.65 5.35 -6.10
CA ILE A 244 -3.57 6.02 -5.19
C ILE A 244 -4.11 7.31 -5.79
N GLN A 245 -3.21 8.17 -6.24
CA GLN A 245 -3.58 9.42 -6.88
C GLN A 245 -4.54 9.16 -8.02
N GLN A 246 -4.19 8.19 -8.86
CA GLN A 246 -5.09 7.61 -9.84
C GLN A 246 -6.54 7.54 -9.32
N ARG A 247 -6.74 6.74 -8.28
CA ARG A 247 -8.05 6.35 -7.78
C ARG A 247 -8.79 7.48 -7.05
N ILE A 248 -8.07 8.25 -6.23
CA ILE A 248 -8.69 9.37 -5.55
C ILE A 248 -9.05 10.50 -6.51
N ALA A 249 -8.30 10.62 -7.59
CA ALA A 249 -8.65 11.56 -8.64
C ALA A 249 -9.93 11.09 -9.32
N GLU A 250 -10.24 9.80 -9.18
CA GLU A 250 -11.46 9.24 -9.76
C GLU A 250 -12.69 9.73 -9.02
N LEU A 251 -12.54 9.97 -7.73
CA LEU A 251 -13.65 10.40 -6.88
C LEU A 251 -13.90 11.89 -7.04
N VAL A 252 -12.83 12.66 -6.96
CA VAL A 252 -12.94 14.09 -7.23
C VAL A 252 -13.64 14.23 -8.56
N ALA A 253 -13.21 13.41 -9.52
CA ALA A 253 -13.80 13.39 -10.84
C ALA A 253 -15.32 13.34 -10.77
N THR A 254 -15.82 12.23 -10.21
CA THR A 254 -17.25 11.97 -10.15
C THR A 254 -18.01 13.10 -9.45
N GLU A 255 -17.50 13.52 -8.30
CA GLU A 255 -18.19 14.55 -7.54
C GLU A 255 -18.34 15.82 -8.35
N PHE A 256 -17.28 16.20 -9.06
CA PHE A 256 -17.33 17.36 -9.93
C PHE A 256 -18.41 17.18 -10.95
N TRP A 257 -18.32 16.08 -11.71
CA TRP A 257 -19.26 15.82 -12.78
C TRP A 257 -20.68 15.85 -12.28
N GLU A 258 -20.88 15.36 -11.05
CA GLU A 258 -22.18 15.36 -10.38
C GLU A 258 -22.72 16.78 -10.22
N GLN A 259 -21.82 17.68 -9.84
CA GLN A 259 -22.15 19.10 -9.78
C GLN A 259 -22.45 19.65 -11.17
N GLY A 260 -21.61 19.29 -12.14
CA GLY A 260 -21.80 19.75 -13.50
C GLY A 260 -23.20 19.45 -14.01
N ASP A 261 -23.73 18.29 -13.64
CA ASP A 261 -25.06 17.86 -14.04
C ASP A 261 -26.11 18.83 -13.50
N LEU A 262 -26.02 19.13 -12.22
CA LEU A 262 -26.89 20.11 -11.54
C LEU A 262 -26.85 21.48 -12.18
N GLU A 263 -25.66 21.87 -12.63
CA GLU A 263 -25.47 23.17 -13.22
C GLU A 263 -26.29 23.32 -14.49
N ARG A 264 -26.39 22.27 -15.29
CA ARG A 264 -27.20 22.39 -16.50
C ARG A 264 -28.61 21.88 -16.35
N THR A 265 -28.91 21.22 -15.24
CA THR A 265 -30.26 20.71 -15.00
C THR A 265 -31.12 21.64 -14.14
N VAL A 266 -30.56 22.24 -13.10
CA VAL A 266 -31.35 23.16 -12.28
C VAL A 266 -30.95 24.60 -12.60
N LEU A 267 -29.67 24.80 -12.91
CA LEU A 267 -29.13 26.14 -13.12
C LEU A 267 -29.25 26.57 -14.56
N GLN A 268 -29.21 25.60 -15.47
CA GLN A 268 -29.35 25.84 -16.89
C GLN A 268 -28.18 26.66 -17.42
N GLN A 269 -27.01 26.46 -16.81
CA GLN A 269 -25.77 27.06 -17.27
C GLN A 269 -24.86 25.98 -17.78
N GLN A 270 -23.77 26.35 -18.43
CA GLN A 270 -22.76 25.38 -18.82
C GLN A 270 -21.68 25.32 -17.74
N PRO A 271 -21.31 24.09 -17.34
CA PRO A 271 -20.33 23.87 -16.28
C PRO A 271 -18.96 24.17 -16.84
N ILE A 272 -18.01 24.52 -15.99
CA ILE A 272 -16.64 24.55 -16.45
C ILE A 272 -16.32 23.14 -16.91
N PRO A 273 -15.34 23.01 -17.82
CA PRO A 273 -14.91 21.71 -18.38
C PRO A 273 -14.53 20.71 -17.28
N MET A 274 -13.97 21.23 -16.20
CA MET A 274 -13.50 20.41 -15.10
C MET A 274 -14.66 19.66 -14.42
N MET A 275 -15.87 20.21 -14.55
CA MET A 275 -17.04 19.59 -13.97
C MET A 275 -18.05 19.22 -15.05
N ASP A 276 -17.59 19.30 -16.29
CA ASP A 276 -18.35 18.90 -17.46
C ASP A 276 -18.11 17.42 -17.75
N ARG A 277 -19.02 16.59 -17.23
CA ARG A 277 -18.92 15.15 -17.37
C ARG A 277 -18.48 14.69 -18.75
N ASN A 278 -18.96 15.34 -19.79
CA ASN A 278 -18.66 14.96 -21.17
C ASN A 278 -17.19 15.05 -21.52
N LYS A 279 -16.47 15.93 -20.82
CA LYS A 279 -15.10 16.25 -21.16
C LYS A 279 -14.10 15.40 -20.40
N ARG A 280 -14.56 14.26 -19.88
CA ARG A 280 -13.73 13.37 -19.08
C ARG A 280 -12.35 13.07 -19.69
N ASP A 281 -12.23 13.29 -20.99
CA ASP A 281 -10.99 13.01 -21.71
C ASP A 281 -9.99 14.18 -21.67
N GLU A 282 -10.36 15.26 -20.98
CA GLU A 282 -9.51 16.42 -20.84
C GLU A 282 -9.13 16.54 -19.38
N LEU A 283 -9.36 15.46 -18.66
CA LEU A 283 -9.04 15.38 -17.25
C LEU A 283 -7.56 15.69 -17.04
N PRO A 284 -6.69 14.87 -17.62
CA PRO A 284 -5.26 14.87 -17.27
C PRO A 284 -4.57 16.23 -17.45
N LYS A 285 -4.96 16.98 -18.47
CA LYS A 285 -4.37 18.29 -18.71
C LYS A 285 -4.93 19.27 -17.72
N LEU A 286 -6.20 19.08 -17.37
CA LEU A 286 -6.85 19.88 -16.35
C LEU A 286 -6.18 19.65 -14.99
N GLN A 287 -5.83 18.38 -14.76
CA GLN A 287 -5.02 18.01 -13.61
C GLN A 287 -3.65 18.67 -13.64
N VAL A 288 -2.98 18.58 -14.79
CA VAL A 288 -1.67 19.20 -14.96
C VAL A 288 -1.71 20.70 -14.63
N GLY A 289 -2.61 21.42 -15.28
CA GLY A 289 -2.72 22.86 -15.11
C GLY A 289 -2.98 23.23 -13.67
N PHE A 290 -3.78 22.41 -13.01
CA PHE A 290 -4.13 22.63 -11.62
C PHE A 290 -2.92 22.45 -10.70
N ILE A 291 -2.23 21.34 -10.89
CA ILE A 291 -0.99 21.03 -10.17
C ILE A 291 0.01 22.16 -10.31
N ASP A 292 0.18 22.63 -11.55
CA ASP A 292 1.05 23.76 -11.83
C ASP A 292 0.57 25.02 -11.11
N PHE A 293 -0.69 25.34 -11.34
CA PHE A 293 -1.29 26.55 -10.78
C PHE A 293 -1.37 26.55 -9.26
N VAL A 294 -1.71 25.41 -8.67
CA VAL A 294 -2.03 25.42 -7.26
C VAL A 294 -1.01 24.74 -6.36
N CYS A 295 -0.37 23.69 -6.87
CA CYS A 295 0.29 22.74 -5.97
C CYS A 295 1.81 22.85 -5.87
N THR A 296 2.53 22.46 -6.92
CA THR A 296 3.99 22.50 -6.89
C THR A 296 4.46 23.75 -6.17
N GLN A 297 4.08 24.89 -6.73
CA GLN A 297 4.27 26.17 -6.08
C GLN A 297 4.32 26.04 -4.54
N LEU A 298 3.28 25.44 -3.96
CA LEU A 298 3.08 25.42 -2.51
C LEU A 298 3.95 24.43 -1.75
N TYR A 299 4.08 23.21 -2.29
CA TYR A 299 4.88 22.16 -1.65
C TYR A 299 6.37 22.45 -1.70
N GLU A 300 6.80 23.15 -2.74
CA GLU A 300 8.15 23.71 -2.80
C GLU A 300 8.39 24.56 -1.56
N ALA A 301 7.58 25.61 -1.42
CA ALA A 301 7.62 26.51 -0.26
C ALA A 301 7.76 25.72 1.04
N LEU A 302 6.82 24.81 1.27
CA LEU A 302 6.79 24.00 2.47
C LEU A 302 8.09 23.26 2.78
N THR A 303 8.83 22.89 1.75
CA THR A 303 10.08 22.20 1.96
C THR A 303 11.19 23.15 2.39
N HIS A 304 11.19 24.35 1.83
CA HIS A 304 12.14 25.38 2.25
C HIS A 304 11.99 25.62 3.74
N VAL A 305 10.75 25.51 4.21
CA VAL A 305 10.44 25.69 5.61
C VAL A 305 10.87 24.47 6.39
N SER A 306 10.63 23.30 5.82
CA SER A 306 11.06 22.06 6.44
C SER A 306 11.49 21.06 5.38
N GLU A 307 12.77 20.69 5.41
CA GLU A 307 13.30 19.79 4.40
C GLU A 307 12.64 18.41 4.44
N ASP A 308 12.37 17.93 5.65
CA ASP A 308 11.82 16.58 5.81
C ASP A 308 10.42 16.47 5.22
N CYS A 309 9.93 17.58 4.68
CA CYS A 309 8.60 17.62 4.08
C CYS A 309 8.65 17.45 2.58
N PHE A 310 9.87 17.27 2.07
CA PHE A 310 10.12 17.08 0.65
C PHE A 310 9.36 15.93 -0.01
N PRO A 311 9.11 14.83 0.72
CA PRO A 311 8.43 13.71 0.06
C PRO A 311 7.15 14.20 -0.62
N LEU A 312 6.49 15.16 0.02
CA LEU A 312 5.29 15.77 -0.54
C LEU A 312 5.57 16.37 -1.91
N LEU A 313 6.63 17.17 -1.98
CA LEU A 313 7.00 17.79 -3.24
C LEU A 313 7.41 16.74 -4.26
N ASP A 314 8.11 15.71 -3.80
CA ASP A 314 8.52 14.66 -4.69
C ASP A 314 7.31 13.95 -5.29
N GLY A 315 6.45 13.42 -4.44
CA GLY A 315 5.24 12.73 -4.91
C GLY A 315 4.35 13.58 -5.79
N CYS A 316 4.32 14.88 -5.53
CA CYS A 316 3.54 15.82 -6.32
C CYS A 316 3.99 15.89 -7.78
N ARG A 317 5.21 16.34 -7.99
CA ARG A 317 5.77 16.42 -9.35
C ARG A 317 5.82 15.06 -10.02
N LYS A 318 5.87 14.00 -9.23
CA LYS A 318 5.91 12.67 -9.77
C LYS A 318 4.58 12.32 -10.43
N ASN A 319 3.50 12.76 -9.82
CA ASN A 319 2.17 12.55 -10.41
C ASN A 319 1.96 13.52 -11.57
N ARG A 320 2.47 14.73 -11.42
CA ARG A 320 2.34 15.71 -12.49
C ARG A 320 2.93 15.09 -13.73
N GLN A 321 4.07 14.45 -13.54
CA GLN A 321 4.73 13.72 -14.61
C GLN A 321 3.78 12.77 -15.35
N LYS A 322 3.09 11.92 -14.59
CA LYS A 322 2.22 10.90 -15.15
C LYS A 322 0.91 11.44 -15.76
N TRP A 323 0.38 12.50 -15.17
CA TRP A 323 -0.76 13.17 -15.80
C TRP A 323 -0.37 13.78 -17.14
N GLN A 324 0.78 14.46 -17.17
CA GLN A 324 1.23 15.09 -18.40
C GLN A 324 1.33 14.06 -19.51
N ALA A 325 2.00 12.95 -19.23
CA ALA A 325 2.12 11.87 -20.19
C ALA A 325 0.76 11.50 -20.78
N LEU A 326 -0.17 11.18 -19.88
CA LEU A 326 -1.55 10.85 -20.24
C LEU A 326 -2.23 11.91 -21.07
N ALA A 327 -2.03 13.17 -20.71
CA ALA A 327 -2.66 14.27 -21.42
C ALA A 327 -2.29 14.22 -22.90
N GLU A 328 -1.13 13.64 -23.17
CA GLU A 328 -0.63 13.46 -24.53
C GLU A 328 -1.02 12.07 -25.06
N GLN A 329 -2.03 11.47 -24.42
CA GLN A 329 -2.46 10.10 -24.69
C GLN A 329 -1.30 9.10 -24.73
N SER B 2 4.21 -47.67 -11.14
CA SER B 2 4.62 -46.41 -10.51
C SER B 2 5.68 -45.64 -11.31
N HIS B 3 6.77 -46.34 -11.60
CA HIS B 3 7.80 -45.91 -12.52
C HIS B 3 7.17 -45.87 -13.91
N MET B 4 6.13 -46.68 -14.06
CA MET B 4 5.46 -46.88 -15.33
C MET B 4 4.58 -45.70 -15.67
N GLU B 5 3.76 -45.27 -14.71
CA GLU B 5 2.91 -44.11 -14.94
C GLU B 5 3.77 -42.88 -15.17
N GLU B 6 4.86 -42.78 -14.43
CA GLU B 6 5.82 -41.71 -14.62
C GLU B 6 6.29 -41.62 -16.06
N THR B 7 6.65 -42.76 -16.64
CA THR B 7 7.35 -42.79 -17.92
C THR B 7 6.43 -42.54 -19.12
N ARG B 8 5.19 -43.02 -19.03
CA ARG B 8 4.19 -42.70 -20.04
C ARG B 8 3.82 -41.24 -19.94
N GLU B 9 3.90 -40.70 -18.72
CA GLU B 9 3.59 -39.30 -18.49
C GLU B 9 4.51 -38.43 -19.32
N LEU B 10 5.74 -38.91 -19.49
CA LEU B 10 6.72 -38.22 -20.31
C LEU B 10 6.40 -38.39 -21.79
N GLN B 11 5.99 -39.59 -22.18
CA GLN B 11 5.58 -39.83 -23.56
C GLN B 11 4.50 -38.83 -23.94
N SER B 12 3.39 -38.86 -23.21
CA SER B 12 2.26 -38.00 -23.51
C SER B 12 2.62 -36.51 -23.47
N LEU B 13 3.48 -36.14 -22.54
CA LEU B 13 3.85 -34.74 -22.41
C LEU B 13 4.77 -34.27 -23.53
N ALA B 14 5.83 -35.02 -23.79
CA ALA B 14 6.82 -34.62 -24.78
C ALA B 14 6.32 -34.81 -26.22
N ALA B 15 5.00 -34.69 -26.41
CA ALA B 15 4.41 -34.92 -27.72
C ALA B 15 3.11 -34.15 -27.89
N ALA B 16 2.70 -33.45 -26.83
CA ALA B 16 1.53 -32.61 -26.89
C ALA B 16 1.91 -31.21 -27.35
N VAL B 17 0.97 -30.53 -28.00
CA VAL B 17 1.19 -29.16 -28.41
C VAL B 17 1.08 -28.24 -27.21
N VAL B 18 2.06 -27.36 -27.06
CA VAL B 18 2.03 -26.35 -26.03
C VAL B 18 1.20 -25.18 -26.52
N PRO B 19 0.04 -24.92 -25.90
CA PRO B 19 -0.82 -23.80 -26.29
C PRO B 19 -0.13 -22.45 -26.08
N SER B 20 -0.68 -21.39 -26.65
CA SER B 20 -0.06 -20.08 -26.51
C SER B 20 -0.22 -19.54 -25.10
N ALA B 21 0.55 -18.51 -24.78
CA ALA B 21 0.46 -17.91 -23.45
C ALA B 21 -0.89 -17.25 -23.30
N GLN B 22 -1.38 -16.71 -24.40
CA GLN B 22 -2.69 -16.06 -24.40
C GLN B 22 -3.74 -17.10 -24.02
N THR B 23 -3.71 -18.22 -24.74
CA THR B 23 -4.62 -19.32 -24.51
C THR B 23 -4.62 -19.73 -23.05
N LEU B 24 -3.42 -19.76 -22.46
CA LEU B 24 -3.24 -20.28 -21.11
C LEU B 24 -3.46 -19.22 -20.02
N LYS B 25 -3.73 -18.00 -20.44
CA LYS B 25 -3.93 -16.90 -19.51
C LYS B 25 -2.88 -16.85 -18.41
N ILE B 26 -1.65 -17.27 -18.73
CA ILE B 26 -0.57 -17.21 -17.74
C ILE B 26 0.09 -15.83 -17.69
N THR B 27 -0.36 -14.93 -18.55
CA THR B 27 0.17 -13.59 -18.60
C THR B 27 -0.52 -12.75 -17.54
N ASP B 28 -1.48 -13.35 -16.85
CA ASP B 28 -2.35 -12.63 -15.93
C ASP B 28 -1.93 -12.74 -14.47
N PHE B 29 -1.95 -11.61 -13.76
CA PHE B 29 -1.68 -11.58 -12.33
C PHE B 29 -2.86 -12.15 -11.54
N SER B 30 -3.97 -12.34 -12.24
CA SER B 30 -5.23 -12.72 -11.64
C SER B 30 -5.51 -14.18 -11.97
N PHE B 31 -4.46 -14.88 -12.35
CA PHE B 31 -4.53 -16.24 -12.88
C PHE B 31 -4.73 -17.26 -11.77
N SER B 32 -5.40 -18.36 -12.12
CA SER B 32 -5.70 -19.45 -11.17
C SER B 32 -5.47 -20.82 -11.79
N ASP B 33 -5.08 -21.77 -10.96
CA ASP B 33 -4.75 -23.12 -11.42
C ASP B 33 -5.82 -24.13 -11.04
N PHE B 34 -6.67 -23.75 -10.09
CA PHE B 34 -7.72 -24.60 -9.55
C PHE B 34 -8.31 -25.59 -10.57
N GLU B 35 -8.52 -25.13 -11.80
CA GLU B 35 -9.23 -25.93 -12.82
C GLU B 35 -8.31 -26.64 -13.82
N LEU B 36 -7.01 -26.38 -13.74
CA LEU B 36 -6.06 -27.07 -14.59
C LEU B 36 -5.80 -28.51 -14.14
N SER B 37 -5.38 -29.35 -15.08
CA SER B 37 -4.96 -30.70 -14.75
C SER B 37 -3.50 -30.62 -14.41
N ASP B 38 -2.92 -31.76 -14.04
CA ASP B 38 -1.48 -31.82 -13.83
C ASP B 38 -0.74 -31.61 -15.14
N LEU B 39 -1.19 -32.28 -16.17
CA LEU B 39 -0.52 -32.21 -17.45
C LEU B 39 -0.53 -30.79 -17.96
N GLU B 40 -1.62 -30.07 -17.70
CA GLU B 40 -1.76 -28.69 -18.19
C GLU B 40 -0.72 -27.80 -17.55
N THR B 41 -0.58 -27.89 -16.24
CA THR B 41 0.39 -27.07 -15.54
C THR B 41 1.78 -27.26 -16.13
N ALA B 42 2.20 -28.50 -16.30
CA ALA B 42 3.48 -28.76 -16.94
C ALA B 42 3.59 -28.03 -18.27
N LEU B 43 2.49 -28.02 -19.02
CA LEU B 43 2.48 -27.43 -20.36
C LEU B 43 2.73 -25.94 -20.28
N CYS B 44 2.03 -25.29 -19.38
CA CYS B 44 2.25 -23.87 -19.09
C CYS B 44 3.70 -23.58 -18.85
N THR B 45 4.30 -24.30 -17.90
CA THR B 45 5.72 -24.25 -17.62
C THR B 45 6.59 -24.24 -18.88
N ILE B 46 6.31 -25.16 -19.81
CA ILE B 46 7.06 -25.23 -21.06
C ILE B 46 6.88 -23.94 -21.86
N ARG B 47 5.64 -23.48 -21.92
CA ARG B 47 5.31 -22.21 -22.56
C ARG B 47 6.06 -21.06 -21.91
N MET B 48 6.20 -21.12 -20.60
CA MET B 48 6.98 -20.14 -19.85
C MET B 48 8.42 -20.07 -20.35
N PHE B 49 9.13 -21.19 -20.27
CA PHE B 49 10.51 -21.27 -20.72
C PHE B 49 10.61 -20.82 -22.16
N THR B 50 9.67 -21.26 -22.97
CA THR B 50 9.65 -20.95 -24.40
C THR B 50 9.53 -19.46 -24.67
N ASP B 51 8.59 -18.81 -23.99
CA ASP B 51 8.26 -17.42 -24.31
C ASP B 51 9.21 -16.44 -23.64
N LEU B 52 10.05 -16.97 -22.76
CA LEU B 52 11.12 -16.17 -22.20
C LEU B 52 12.41 -16.34 -23.01
N ASN B 53 12.29 -17.06 -24.13
CA ASN B 53 13.41 -17.32 -25.02
C ASN B 53 14.49 -18.22 -24.39
N LEU B 54 14.19 -18.73 -23.20
CA LEU B 54 15.17 -19.56 -22.52
C LEU B 54 15.45 -20.80 -23.33
N VAL B 55 14.42 -21.33 -23.98
CA VAL B 55 14.54 -22.60 -24.66
C VAL B 55 15.49 -22.55 -25.84
N GLN B 56 15.41 -21.45 -26.58
CA GLN B 56 16.22 -21.27 -27.78
C GLN B 56 17.63 -20.76 -27.48
N ASN B 57 17.73 -19.86 -26.51
CA ASN B 57 19.01 -19.23 -26.22
C ASN B 57 19.95 -20.14 -25.45
N PHE B 58 19.42 -21.26 -24.96
CA PHE B 58 20.22 -22.21 -24.19
C PHE B 58 20.07 -23.64 -24.68
N GLN B 59 19.74 -23.78 -25.96
CA GLN B 59 19.83 -25.06 -26.65
C GLN B 59 19.20 -26.19 -25.85
N MET B 60 18.03 -25.94 -25.29
CA MET B 60 17.33 -26.97 -24.55
C MET B 60 16.59 -27.90 -25.51
N LYS B 61 16.65 -29.19 -25.23
CA LYS B 61 15.96 -30.17 -26.05
C LYS B 61 14.60 -30.43 -25.42
N HIS B 62 13.55 -30.41 -26.23
CA HIS B 62 12.20 -30.60 -25.70
C HIS B 62 12.15 -31.82 -24.80
N GLU B 63 12.80 -32.89 -25.24
CA GLU B 63 12.87 -34.15 -24.48
C GLU B 63 13.31 -33.90 -23.04
N VAL B 64 14.46 -33.25 -22.90
CA VAL B 64 15.09 -33.04 -21.61
C VAL B 64 14.24 -32.18 -20.69
N LEU B 65 13.94 -30.96 -21.12
CA LEU B 65 13.13 -30.05 -20.34
C LEU B 65 11.94 -30.76 -19.74
N CYS B 66 11.25 -31.53 -20.59
CA CYS B 66 10.08 -32.29 -20.18
C CYS B 66 10.37 -33.22 -19.04
N ARG B 67 11.41 -34.03 -19.18
CA ARG B 67 11.80 -34.93 -18.10
C ARG B 67 12.01 -34.13 -16.82
N TRP B 68 12.91 -33.16 -16.89
CA TRP B 68 13.19 -32.28 -15.77
C TRP B 68 11.93 -31.74 -15.08
N ILE B 69 11.12 -30.98 -15.81
CA ILE B 69 9.87 -30.48 -15.27
C ILE B 69 9.12 -31.55 -14.50
N LEU B 70 8.91 -32.68 -15.15
CA LEU B 70 8.19 -33.79 -14.55
C LEU B 70 8.82 -34.20 -13.23
N SER B 71 10.16 -34.14 -13.19
CA SER B 71 10.93 -34.58 -12.04
C SER B 71 10.65 -33.68 -10.87
N VAL B 72 10.71 -32.38 -11.11
CA VAL B 72 10.37 -31.42 -10.09
C VAL B 72 8.95 -31.65 -9.56
N LYS B 73 8.01 -31.88 -10.47
CA LYS B 73 6.62 -32.13 -10.13
C LYS B 73 6.52 -33.26 -9.12
N LYS B 74 7.21 -34.36 -9.41
CA LYS B 74 7.12 -35.57 -8.59
C LYS B 74 7.89 -35.46 -7.29
N ASN B 75 8.64 -34.37 -7.14
CA ASN B 75 9.46 -34.18 -5.95
C ASN B 75 8.85 -33.20 -4.99
N TYR B 76 7.66 -32.75 -5.32
CA TYR B 76 6.85 -32.06 -4.34
C TYR B 76 5.92 -33.09 -3.73
N ARG B 77 5.76 -33.00 -2.40
CA ARG B 77 4.93 -33.94 -1.66
C ARG B 77 3.44 -33.66 -1.83
N LYS B 78 2.71 -34.71 -2.15
CA LYS B 78 1.29 -34.64 -2.43
C LYS B 78 0.52 -34.42 -1.11
N ASN B 79 0.88 -35.19 -0.10
CA ASN B 79 0.23 -35.16 1.21
C ASN B 79 0.36 -33.81 1.92
N VAL B 80 1.20 -32.93 1.40
CA VAL B 80 1.44 -31.62 2.02
C VAL B 80 0.50 -30.53 1.54
N ALA B 81 -0.17 -29.91 2.50
CA ALA B 81 -1.35 -29.08 2.25
C ALA B 81 -1.18 -27.92 1.25
N TYR B 82 -0.30 -26.98 1.55
CA TYR B 82 -0.10 -25.81 0.68
C TYR B 82 1.20 -25.89 -0.11
N HIS B 83 2.25 -26.35 0.56
CA HIS B 83 3.59 -26.40 -0.02
C HIS B 83 3.81 -27.61 -0.90
N ASN B 84 2.91 -27.78 -1.87
CA ASN B 84 3.03 -28.82 -2.89
C ASN B 84 3.40 -28.18 -4.22
N TRP B 85 3.31 -28.97 -5.29
CA TRP B 85 3.71 -28.52 -6.62
C TRP B 85 2.95 -27.30 -7.13
N ARG B 86 1.67 -27.23 -6.81
CA ARG B 86 0.85 -26.12 -7.27
C ARG B 86 1.30 -24.79 -6.68
N HIS B 87 2.04 -24.85 -5.58
CA HIS B 87 2.62 -23.63 -5.03
C HIS B 87 3.84 -23.18 -5.84
N ALA B 88 4.74 -24.12 -6.14
CA ALA B 88 5.91 -23.85 -6.97
C ALA B 88 5.48 -23.33 -8.33
N PHE B 89 4.40 -23.92 -8.84
CA PHE B 89 3.84 -23.55 -10.11
C PHE B 89 3.21 -22.14 -10.11
N ASN B 90 2.34 -21.86 -9.14
CA ASN B 90 1.71 -20.55 -8.97
C ASN B 90 2.71 -19.42 -8.73
N THR B 91 3.88 -19.79 -8.22
CA THR B 91 4.94 -18.86 -7.95
C THR B 91 5.65 -18.54 -9.25
N ALA B 92 6.00 -19.59 -9.98
CA ALA B 92 6.70 -19.42 -11.24
C ALA B 92 5.83 -18.66 -12.25
N GLN B 93 4.51 -18.82 -12.14
CA GLN B 93 3.62 -18.13 -13.05
C GLN B 93 3.54 -16.65 -12.69
N CYS B 94 3.53 -16.38 -11.40
CA CYS B 94 3.62 -15.01 -10.91
C CYS B 94 4.92 -14.42 -11.43
N MET B 95 6.01 -15.12 -11.16
CA MET B 95 7.33 -14.75 -11.66
C MET B 95 7.28 -14.48 -13.15
N PHE B 96 6.65 -15.37 -13.90
CA PHE B 96 6.52 -15.19 -15.34
C PHE B 96 5.71 -13.96 -15.66
N ALA B 97 4.57 -13.80 -14.99
CA ALA B 97 3.72 -12.65 -15.22
C ALA B 97 4.46 -11.35 -14.93
N ALA B 98 5.26 -11.36 -13.88
CA ALA B 98 6.07 -10.20 -13.49
C ALA B 98 6.98 -9.74 -14.62
N LEU B 99 7.70 -10.68 -15.22
CA LEU B 99 8.66 -10.38 -16.28
C LEU B 99 8.02 -9.88 -17.57
N LYS B 100 6.84 -10.40 -17.87
CA LYS B 100 6.11 -10.06 -19.08
C LYS B 100 5.23 -8.85 -18.89
N ALA B 101 4.05 -9.04 -18.33
CA ALA B 101 3.11 -7.95 -18.14
C ALA B 101 3.66 -6.84 -17.26
N GLY B 102 4.35 -7.22 -16.19
CA GLY B 102 4.97 -6.24 -15.31
C GLY B 102 6.18 -5.61 -15.96
N LYS B 103 6.62 -6.18 -17.06
CA LYS B 103 7.73 -5.64 -17.86
C LYS B 103 9.01 -5.48 -17.05
N ILE B 104 9.68 -6.59 -16.82
CA ILE B 104 10.97 -6.57 -16.12
C ILE B 104 12.05 -7.25 -16.96
N GLN B 105 11.62 -8.21 -17.77
CA GLN B 105 12.50 -8.86 -18.72
C GLN B 105 13.49 -7.84 -19.29
N ASN B 106 12.95 -6.73 -19.80
CA ASN B 106 13.76 -5.67 -20.42
C ASN B 106 14.75 -5.01 -19.45
N LYS B 107 14.79 -5.50 -18.22
CA LYS B 107 15.64 -4.91 -17.19
C LYS B 107 16.74 -5.84 -16.72
N LEU B 108 16.73 -7.09 -17.19
CA LEU B 108 17.77 -8.02 -16.78
C LEU B 108 18.15 -9.07 -17.80
N THR B 109 19.30 -9.70 -17.53
CA THR B 109 19.97 -10.56 -18.48
C THR B 109 19.26 -11.89 -18.66
N ASP B 110 19.67 -12.62 -19.68
CA ASP B 110 19.10 -13.92 -19.96
C ASP B 110 19.53 -14.92 -18.91
N LEU B 111 20.74 -14.76 -18.38
CA LEU B 111 21.21 -15.63 -17.33
C LEU B 111 20.37 -15.45 -16.08
N GLU B 112 19.96 -14.22 -15.81
CA GLU B 112 19.16 -13.92 -14.64
C GLU B 112 17.74 -14.47 -14.78
N ILE B 113 17.13 -14.26 -15.94
CA ILE B 113 15.78 -14.74 -16.16
C ILE B 113 15.68 -16.27 -16.00
N LEU B 114 16.60 -16.98 -16.64
CA LEU B 114 16.67 -18.44 -16.55
C LEU B 114 16.76 -18.89 -15.10
N ALA B 115 17.63 -18.24 -14.35
CA ALA B 115 17.87 -18.58 -12.96
C ALA B 115 16.65 -18.35 -12.07
N LEU B 116 15.95 -17.25 -12.32
CA LEU B 116 14.76 -16.92 -11.55
C LEU B 116 13.67 -17.95 -11.74
N LEU B 117 13.51 -18.38 -12.99
CA LEU B 117 12.46 -19.32 -13.33
C LEU B 117 12.75 -20.68 -12.72
N ILE B 118 13.97 -21.16 -12.93
CA ILE B 118 14.37 -22.44 -12.37
C ILE B 118 14.25 -22.39 -10.86
N ALA B 119 14.66 -21.28 -10.27
CA ALA B 119 14.58 -21.10 -8.81
C ALA B 119 13.13 -21.12 -8.32
N ALA B 120 12.30 -20.26 -8.92
CA ALA B 120 10.89 -20.14 -8.55
C ALA B 120 10.18 -21.49 -8.52
N LEU B 121 10.53 -22.33 -9.49
CA LEU B 121 9.93 -23.63 -9.64
C LEU B 121 10.33 -24.60 -8.54
N SER B 122 11.55 -24.45 -8.04
CA SER B 122 12.11 -25.41 -7.09
C SER B 122 12.40 -24.86 -5.69
N HIS B 123 11.89 -23.67 -5.41
CA HIS B 123 12.22 -22.97 -4.17
C HIS B 123 11.75 -23.69 -2.90
N ASP B 124 10.91 -24.70 -3.05
CA ASP B 124 10.37 -25.39 -1.88
C ASP B 124 10.45 -26.91 -1.98
N LEU B 125 11.34 -27.43 -2.81
CA LEU B 125 11.35 -28.87 -3.09
C LEU B 125 11.37 -29.70 -1.82
N ASP B 126 10.59 -30.78 -1.80
CA ASP B 126 10.58 -31.72 -0.69
C ASP B 126 10.19 -31.06 0.62
N HIS B 127 9.50 -29.93 0.53
CA HIS B 127 9.00 -29.27 1.72
C HIS B 127 8.06 -30.25 2.42
N ARG B 128 8.30 -30.46 3.70
CA ARG B 128 7.57 -31.45 4.46
C ARG B 128 6.53 -30.76 5.36
N GLY B 129 5.98 -29.66 4.88
CA GLY B 129 4.85 -29.03 5.54
C GLY B 129 5.10 -28.53 6.94
N VAL B 130 6.25 -27.91 7.14
CA VAL B 130 6.66 -27.46 8.45
C VAL B 130 7.71 -26.38 8.29
N ASN B 131 7.67 -25.38 9.17
CA ASN B 131 8.58 -24.23 9.05
C ASN B 131 9.98 -24.44 9.65
N ASN B 132 10.90 -23.56 9.27
CA ASN B 132 12.26 -23.62 9.77
C ASN B 132 12.29 -23.64 11.29
N SER B 133 11.39 -22.87 11.89
CA SER B 133 11.29 -22.76 13.34
C SER B 133 11.09 -24.11 14.01
N TYR B 134 10.19 -24.90 13.43
CA TYR B 134 9.86 -26.18 14.01
C TYR B 134 11.05 -27.15 13.91
N ILE B 135 11.57 -27.33 12.70
CA ILE B 135 12.61 -28.30 12.44
C ILE B 135 13.81 -28.01 13.34
N GLN B 136 14.01 -26.74 13.63
CA GLN B 136 15.11 -26.33 14.50
C GLN B 136 14.83 -26.77 15.92
N ARG B 137 13.62 -26.48 16.40
CA ARG B 137 13.26 -26.75 17.79
C ARG B 137 13.04 -28.23 18.08
N SER B 138 12.83 -29.01 17.04
CA SER B 138 12.63 -30.45 17.19
C SER B 138 13.92 -31.25 16.90
N GLU B 139 15.01 -30.55 16.72
CA GLU B 139 16.30 -31.17 16.41
C GLU B 139 16.17 -32.21 15.31
N HIS B 140 15.63 -31.79 14.18
CA HIS B 140 15.64 -32.60 12.99
C HIS B 140 17.09 -32.67 12.51
N PRO B 141 17.48 -33.80 11.90
CA PRO B 141 18.86 -33.99 11.45
C PRO B 141 19.24 -32.97 10.38
N LEU B 142 18.23 -32.39 9.75
CA LEU B 142 18.41 -31.36 8.74
C LEU B 142 18.92 -30.09 9.39
N ALA B 143 18.61 -29.93 10.67
CA ALA B 143 19.07 -28.78 11.44
C ALA B 143 20.51 -28.98 11.85
N GLN B 144 20.89 -30.25 12.05
CA GLN B 144 22.26 -30.59 12.40
C GLN B 144 23.15 -30.38 11.18
N LEU B 145 22.59 -30.67 10.01
CA LEU B 145 23.31 -30.52 8.76
C LEU B 145 23.53 -29.07 8.36
N TYR B 146 22.45 -28.29 8.27
CA TYR B 146 22.55 -26.90 7.82
C TYR B 146 22.44 -25.93 8.98
N CYS B 147 23.02 -24.75 8.78
CA CYS B 147 23.15 -23.76 9.83
C CYS B 147 21.93 -22.85 9.89
N HIS B 148 21.87 -21.90 8.94
CA HIS B 148 20.77 -20.96 8.83
C HIS B 148 20.02 -21.25 7.53
N SER B 149 18.76 -20.78 7.45
CA SER B 149 17.93 -21.01 6.28
C SER B 149 17.87 -22.48 5.96
N ILE B 150 17.80 -23.30 7.00
CA ILE B 150 17.79 -24.76 6.88
C ILE B 150 17.00 -25.33 5.71
N MET B 151 15.70 -25.11 5.69
CA MET B 151 14.85 -25.69 4.65
C MET B 151 15.26 -25.22 3.29
N GLU B 152 15.49 -23.93 3.17
CA GLU B 152 15.86 -23.31 1.90
C GLU B 152 17.20 -23.85 1.36
N HIS B 153 18.12 -24.20 2.24
CA HIS B 153 19.34 -24.86 1.81
C HIS B 153 19.01 -26.22 1.23
N HIS B 154 18.06 -26.91 1.86
CA HIS B 154 17.63 -28.23 1.41
C HIS B 154 16.93 -28.14 0.06
N HIS B 155 15.99 -27.21 -0.07
CA HIS B 155 15.27 -27.03 -1.33
C HIS B 155 16.27 -26.93 -2.46
N PHE B 156 17.38 -26.25 -2.21
CA PHE B 156 18.42 -26.07 -3.22
C PHE B 156 19.24 -27.33 -3.44
N ASP B 157 19.65 -27.99 -2.37
CA ASP B 157 20.34 -29.26 -2.45
C ASP B 157 19.57 -30.16 -3.42
N GLN B 158 18.25 -30.04 -3.39
CA GLN B 158 17.36 -30.86 -4.20
C GLN B 158 17.35 -30.42 -5.66
N CYS B 159 17.02 -29.15 -5.86
CA CYS B 159 17.09 -28.51 -7.16
C CYS B 159 18.33 -28.96 -7.96
N LEU B 160 19.47 -28.91 -7.28
CA LEU B 160 20.75 -29.20 -7.87
C LEU B 160 20.91 -30.69 -8.14
N MET B 161 20.42 -31.51 -7.21
CA MET B 161 20.47 -32.94 -7.41
C MET B 161 19.75 -33.31 -8.69
N ILE B 162 18.64 -32.63 -8.95
CA ILE B 162 17.81 -32.93 -10.11
C ILE B 162 18.43 -32.46 -11.42
N LEU B 163 19.06 -31.30 -11.38
CA LEU B 163 19.73 -30.75 -12.55
C LEU B 163 20.93 -31.57 -12.97
N ASN B 164 21.50 -32.30 -12.02
CA ASN B 164 22.64 -33.17 -12.30
C ASN B 164 22.18 -34.57 -12.68
N SER B 165 20.89 -34.83 -12.53
CA SER B 165 20.29 -36.08 -12.96
C SER B 165 20.43 -36.23 -14.47
N PRO B 166 20.52 -37.48 -14.95
CA PRO B 166 20.72 -37.79 -16.37
C PRO B 166 19.45 -37.55 -17.16
N GLY B 167 19.56 -36.83 -18.28
CA GLY B 167 18.39 -36.48 -19.06
C GLY B 167 17.55 -35.41 -18.39
N ASN B 168 18.18 -34.68 -17.47
CA ASN B 168 17.52 -33.58 -16.80
C ASN B 168 18.36 -32.32 -16.87
N GLN B 169 19.59 -32.48 -17.36
CA GLN B 169 20.51 -31.37 -17.54
C GLN B 169 19.96 -30.38 -18.54
N ILE B 170 18.98 -29.60 -18.11
CA ILE B 170 18.39 -28.58 -18.97
C ILE B 170 19.41 -27.46 -19.14
N LEU B 171 20.44 -27.48 -18.31
CA LEU B 171 21.49 -26.49 -18.42
C LEU B 171 22.66 -26.94 -19.29
N SER B 172 22.63 -28.20 -19.71
CA SER B 172 23.75 -28.82 -20.41
C SER B 172 24.34 -27.93 -21.49
N GLY B 173 23.52 -27.03 -22.03
CA GLY B 173 23.94 -26.19 -23.14
C GLY B 173 24.80 -24.98 -22.79
N LEU B 174 24.98 -24.72 -21.50
CA LEU B 174 25.68 -23.51 -21.05
C LEU B 174 27.18 -23.68 -21.02
N SER B 175 27.90 -22.62 -21.35
CA SER B 175 29.33 -22.62 -21.16
C SER B 175 29.58 -22.83 -19.68
N ILE B 176 30.74 -23.37 -19.34
CA ILE B 176 31.03 -23.69 -17.96
C ILE B 176 30.94 -22.45 -17.08
N GLU B 177 31.35 -21.30 -17.64
CA GLU B 177 31.26 -20.03 -16.94
C GLU B 177 29.81 -19.62 -16.70
N GLU B 178 28.99 -19.72 -17.73
CA GLU B 178 27.57 -19.46 -17.61
C GLU B 178 26.98 -20.33 -16.51
N TYR B 179 26.94 -21.65 -16.77
CA TYR B 179 26.51 -22.60 -15.75
C TYR B 179 26.95 -22.16 -14.35
N LYS B 180 28.26 -21.99 -14.18
CA LYS B 180 28.83 -21.65 -12.88
C LYS B 180 28.15 -20.46 -12.19
N THR B 181 27.81 -19.42 -12.93
CA THR B 181 27.22 -18.23 -12.30
C THR B 181 25.69 -18.32 -12.20
N THR B 182 25.08 -19.03 -13.13
CA THR B 182 23.66 -19.31 -13.07
C THR B 182 23.37 -19.95 -11.73
N LEU B 183 24.08 -21.04 -11.45
CA LEU B 183 23.92 -21.76 -10.20
C LEU B 183 24.07 -20.87 -8.99
N LYS B 184 25.02 -19.94 -9.07
CA LYS B 184 25.25 -19.01 -7.99
C LYS B 184 23.98 -18.21 -7.71
N ILE B 185 23.45 -17.56 -8.75
CA ILE B 185 22.20 -16.82 -8.67
C ILE B 185 21.03 -17.68 -8.16
N ILE B 186 20.93 -18.92 -8.64
CA ILE B 186 19.85 -19.80 -8.23
C ILE B 186 19.93 -20.06 -6.73
N LYS B 187 21.15 -20.28 -6.26
CA LYS B 187 21.34 -20.48 -4.83
C LYS B 187 20.85 -19.26 -4.07
N GLN B 188 21.28 -18.08 -4.51
CA GLN B 188 20.86 -16.83 -3.90
C GLN B 188 19.33 -16.65 -3.92
N ALA B 189 18.72 -17.02 -5.05
CA ALA B 189 17.27 -16.89 -5.19
C ALA B 189 16.51 -17.75 -4.19
N ILE B 190 16.79 -19.05 -4.19
CA ILE B 190 16.10 -19.96 -3.31
C ILE B 190 16.26 -19.58 -1.84
N LEU B 191 17.47 -19.18 -1.44
CA LEU B 191 17.72 -18.81 -0.06
C LEU B 191 16.91 -17.58 0.31
N ALA B 192 16.79 -16.67 -0.64
CA ALA B 192 16.01 -15.44 -0.46
C ALA B 192 14.55 -15.66 -0.06
N THR B 193 14.02 -16.85 -0.35
CA THR B 193 12.63 -17.19 -0.02
C THR B 193 12.47 -17.57 1.46
N ASP B 194 13.58 -17.52 2.18
CA ASP B 194 13.55 -17.55 3.62
C ASP B 194 13.06 -16.20 4.16
N LEU B 195 11.88 -16.24 4.79
CA LEU B 195 11.23 -15.05 5.30
C LEU B 195 12.10 -14.24 6.25
N ALA B 196 13.00 -14.93 6.92
CA ALA B 196 13.88 -14.30 7.89
C ALA B 196 14.87 -13.38 7.19
N LEU B 197 15.33 -13.80 6.01
CA LEU B 197 16.28 -12.99 5.23
C LEU B 197 15.55 -11.85 4.63
N TYR B 198 14.32 -12.11 4.19
CA TYR B 198 13.49 -11.05 3.63
C TYR B 198 13.40 -9.93 4.64
N ILE B 199 13.21 -10.29 5.90
CA ILE B 199 13.06 -9.29 6.94
C ILE B 199 14.37 -8.60 7.27
N LYS B 200 15.44 -9.39 7.38
CA LYS B 200 16.74 -8.86 7.78
C LYS B 200 17.41 -8.07 6.66
N ARG B 201 16.76 -7.97 5.51
CA ARG B 201 17.33 -7.29 4.35
C ARG B 201 16.42 -6.22 3.76
N ARG B 202 15.11 -6.43 3.82
CA ARG B 202 14.17 -5.52 3.18
C ARG B 202 14.36 -4.06 3.58
N GLY B 203 14.72 -3.79 4.82
CA GLY B 203 14.87 -2.42 5.27
C GLY B 203 15.76 -1.60 4.35
N GLU B 204 16.98 -2.11 4.16
CA GLU B 204 17.94 -1.59 3.19
C GLU B 204 17.27 -1.16 1.91
N PHE B 205 16.58 -2.09 1.28
CA PHE B 205 15.94 -1.95 -0.02
C PHE B 205 14.77 -0.96 -0.02
N PHE B 206 14.02 -0.89 1.08
CA PHE B 206 12.87 0.00 1.22
C PHE B 206 13.28 1.46 1.24
N GLU B 207 14.54 1.71 1.56
CA GLU B 207 15.08 3.05 1.66
C GLU B 207 15.58 3.58 0.33
N LEU B 208 16.35 2.77 -0.37
CA LEU B 208 16.80 3.17 -1.70
C LEU B 208 15.56 3.53 -2.53
N ILE B 209 14.48 2.81 -2.32
CA ILE B 209 13.22 3.15 -2.95
C ILE B 209 12.77 4.49 -2.40
N ARG B 210 12.52 4.53 -1.08
CA ARG B 210 12.06 5.74 -0.41
C ARG B 210 12.81 6.97 -0.90
N LYS B 211 14.14 6.88 -0.90
CA LYS B 211 14.99 8.01 -1.23
C LYS B 211 15.21 8.22 -2.72
N ASN B 212 14.35 7.63 -3.55
CA ASN B 212 14.46 7.78 -5.00
C ASN B 212 15.91 7.56 -5.48
N GLN B 213 16.63 6.69 -4.78
CA GLN B 213 18.01 6.40 -5.09
C GLN B 213 18.15 5.04 -5.75
N PHE B 214 17.22 4.15 -5.46
CA PHE B 214 17.30 2.80 -6.01
C PHE B 214 17.52 2.75 -7.52
N ASN B 215 18.49 1.95 -7.92
CA ASN B 215 18.91 1.87 -9.31
C ASN B 215 19.44 0.48 -9.67
N LEU B 216 18.82 -0.14 -10.68
CA LEU B 216 19.18 -1.51 -11.07
C LEU B 216 20.63 -1.68 -11.46
N GLU B 217 21.11 -0.76 -12.29
CA GLU B 217 22.46 -0.85 -12.84
C GLU B 217 23.45 -1.34 -11.80
N ASP B 218 23.35 -0.78 -10.59
CA ASP B 218 24.23 -1.19 -9.52
C ASP B 218 24.13 -2.70 -9.33
N PRO B 219 25.25 -3.39 -9.55
CA PRO B 219 25.34 -4.84 -9.35
C PRO B 219 24.71 -5.27 -8.04
N HIS B 220 25.19 -4.74 -6.92
CA HIS B 220 24.62 -5.14 -5.64
C HIS B 220 23.13 -4.80 -5.48
N GLN B 221 22.77 -3.53 -5.74
CA GLN B 221 21.37 -3.12 -5.71
C GLN B 221 20.47 -4.10 -6.47
N LYS B 222 21.00 -4.66 -7.57
CA LYS B 222 20.24 -5.59 -8.38
C LYS B 222 19.97 -6.91 -7.64
N GLU B 223 21.03 -7.56 -7.20
CA GLU B 223 20.90 -8.86 -6.57
C GLU B 223 20.07 -8.83 -5.27
N LEU B 224 20.01 -7.67 -4.64
CA LEU B 224 19.13 -7.46 -3.50
C LEU B 224 17.72 -7.52 -4.02
N PHE B 225 17.45 -6.70 -5.02
CA PHE B 225 16.14 -6.67 -5.65
C PHE B 225 15.69 -8.07 -6.09
N LEU B 226 16.64 -8.86 -6.59
CA LEU B 226 16.33 -10.23 -7.03
C LEU B 226 15.83 -11.07 -5.88
N ALA B 227 16.41 -10.85 -4.72
CA ALA B 227 15.89 -11.45 -3.51
C ALA B 227 14.46 -11.00 -3.28
N MET B 228 14.27 -9.69 -3.25
CA MET B 228 12.94 -9.13 -3.00
C MET B 228 11.88 -9.67 -3.97
N LEU B 229 12.30 -9.90 -5.21
CA LEU B 229 11.41 -10.38 -6.26
C LEU B 229 10.96 -11.81 -5.99
N MET B 230 11.90 -12.62 -5.52
CA MET B 230 11.59 -13.97 -5.09
C MET B 230 10.48 -13.96 -4.05
N THR B 231 10.72 -13.34 -2.91
CA THR B 231 9.67 -13.16 -1.90
C THR B 231 8.36 -12.71 -2.55
N ALA B 232 8.40 -11.62 -3.28
CA ALA B 232 7.21 -11.12 -3.99
C ALA B 232 6.36 -12.22 -4.63
N CYS B 233 6.99 -13.15 -5.34
CA CYS B 233 6.26 -14.21 -6.03
C CYS B 233 5.91 -15.37 -5.12
N ASP B 234 6.80 -15.65 -4.16
CA ASP B 234 6.68 -16.77 -3.22
C ASP B 234 5.37 -16.68 -2.43
N LEU B 235 4.92 -15.46 -2.17
CA LEU B 235 3.65 -15.28 -1.48
C LEU B 235 2.62 -14.44 -2.27
N SER B 236 2.77 -14.45 -3.59
CA SER B 236 1.87 -13.75 -4.51
C SER B 236 0.42 -14.18 -4.30
N ALA B 237 0.24 -15.34 -3.69
CA ALA B 237 -1.09 -15.89 -3.45
C ALA B 237 -1.99 -14.86 -2.77
N ILE B 238 -1.37 -14.04 -1.93
CA ILE B 238 -2.08 -13.05 -1.16
C ILE B 238 -2.61 -11.91 -2.02
N THR B 239 -2.24 -11.88 -3.29
CA THR B 239 -2.65 -10.82 -4.20
C THR B 239 -3.69 -11.32 -5.19
N LYS B 240 -4.34 -12.42 -4.84
CA LYS B 240 -5.29 -13.05 -5.75
C LYS B 240 -6.70 -12.55 -5.49
N PRO B 241 -7.59 -12.70 -6.49
CA PRO B 241 -9.03 -12.43 -6.31
C PRO B 241 -9.53 -13.09 -5.05
N TRP B 242 -10.50 -12.48 -4.41
CA TRP B 242 -10.92 -12.95 -3.10
C TRP B 242 -11.27 -14.44 -3.04
N PRO B 243 -12.06 -14.92 -4.03
CA PRO B 243 -12.49 -16.32 -4.05
C PRO B 243 -11.31 -17.28 -4.09
N ILE B 244 -10.22 -16.83 -4.69
CA ILE B 244 -9.02 -17.64 -4.75
C ILE B 244 -8.26 -17.50 -3.45
N GLN B 245 -7.98 -16.25 -3.07
CA GLN B 245 -7.27 -15.98 -1.84
C GLN B 245 -7.96 -16.72 -0.70
N GLN B 246 -9.28 -16.59 -0.64
CA GLN B 246 -10.15 -17.37 0.23
C GLN B 246 -9.63 -18.79 0.39
N ARG B 247 -9.61 -19.51 -0.73
CA ARG B 247 -9.42 -20.96 -0.76
C ARG B 247 -7.97 -21.38 -0.50
N ILE B 248 -7.02 -20.65 -1.06
CA ILE B 248 -5.60 -20.94 -0.83
C ILE B 248 -5.21 -20.61 0.61
N ALA B 249 -5.90 -19.66 1.22
CA ALA B 249 -5.69 -19.37 2.61
C ALA B 249 -6.23 -20.53 3.44
N GLU B 250 -7.12 -21.32 2.84
CA GLU B 250 -7.67 -22.50 3.52
C GLU B 250 -6.64 -23.61 3.63
N LEU B 251 -5.70 -23.65 2.69
CA LEU B 251 -4.67 -24.68 2.67
C LEU B 251 -3.55 -24.31 3.62
N VAL B 252 -3.06 -23.09 3.49
CA VAL B 252 -2.07 -22.60 4.42
C VAL B 252 -2.61 -22.88 5.81
N ALA B 253 -3.90 -22.61 5.99
CA ALA B 253 -4.54 -22.80 7.27
C ALA B 253 -4.28 -24.20 7.77
N THR B 254 -4.75 -25.17 7.00
CA THR B 254 -4.67 -26.56 7.41
C THR B 254 -3.24 -26.98 7.72
N GLU B 255 -2.32 -26.66 6.82
CA GLU B 255 -0.92 -27.05 6.97
C GLU B 255 -0.34 -26.52 8.27
N PHE B 256 -0.65 -25.27 8.58
CA PHE B 256 -0.23 -24.69 9.84
C PHE B 256 -0.79 -25.52 10.98
N TRP B 257 -2.09 -25.72 10.97
CA TRP B 257 -2.76 -26.39 12.08
C TRP B 257 -2.19 -27.77 12.30
N GLU B 258 -1.83 -28.40 11.19
CA GLU B 258 -1.20 -29.72 11.20
C GLU B 258 0.12 -29.70 11.95
N GLN B 259 0.93 -28.66 11.73
CA GLN B 259 2.15 -28.44 12.49
C GLN B 259 1.85 -28.19 13.97
N GLY B 260 0.83 -27.36 14.23
CA GLY B 260 0.40 -27.03 15.57
C GLY B 260 0.12 -28.28 16.38
N ASP B 261 -0.48 -29.27 15.72
CA ASP B 261 -0.77 -30.54 16.36
C ASP B 261 0.49 -31.23 16.83
N LEU B 262 1.46 -31.34 15.92
CA LEU B 262 2.78 -31.92 16.23
C LEU B 262 3.49 -31.21 17.37
N GLU B 263 3.32 -29.89 17.42
CA GLU B 263 3.97 -29.10 18.44
C GLU B 263 3.51 -29.50 19.83
N ARG B 264 2.23 -29.83 19.97
CA ARG B 264 1.77 -30.22 21.30
C ARG B 264 1.71 -31.72 21.50
N THR B 265 1.90 -32.48 20.43
CA THR B 265 1.90 -33.94 20.53
C THR B 265 3.29 -34.59 20.66
N VAL B 266 4.27 -34.08 19.91
CA VAL B 266 5.62 -34.60 20.02
C VAL B 266 6.53 -33.63 20.78
N LEU B 267 6.26 -32.34 20.61
CA LEU B 267 7.09 -31.32 21.22
C LEU B 267 6.62 -30.97 22.62
N GLN B 268 5.31 -31.09 22.84
CA GLN B 268 4.70 -30.78 24.12
C GLN B 268 4.81 -29.29 24.46
N GLN B 269 4.78 -28.46 23.41
CA GLN B 269 4.79 -27.00 23.56
C GLN B 269 3.46 -26.47 23.07
N GLN B 270 3.18 -25.19 23.34
CA GLN B 270 2.00 -24.56 22.78
C GLN B 270 2.39 -23.87 21.50
N PRO B 271 1.60 -24.08 20.44
CA PRO B 271 1.85 -23.51 19.12
C PRO B 271 1.50 -22.05 19.14
N ILE B 272 2.07 -21.26 18.24
CA ILE B 272 1.61 -19.91 18.08
C ILE B 272 0.18 -20.03 17.67
N PRO B 273 -0.63 -19.01 17.96
CA PRO B 273 -2.05 -18.99 17.61
C PRO B 273 -2.25 -19.28 16.11
N MET B 274 -1.33 -18.81 15.28
CA MET B 274 -1.47 -18.94 13.84
C MET B 274 -1.47 -20.40 13.41
N MET B 275 -0.93 -21.27 14.26
CA MET B 275 -0.85 -22.68 13.94
C MET B 275 -1.59 -23.47 15.00
N ASP B 276 -2.32 -22.74 15.83
CA ASP B 276 -3.17 -23.31 16.88
C ASP B 276 -4.55 -23.59 16.30
N ARG B 277 -4.75 -24.83 15.87
CA ARG B 277 -5.99 -25.25 15.24
C ARG B 277 -7.24 -24.72 15.93
N ASN B 278 -7.25 -24.70 17.25
CA ASN B 278 -8.39 -24.21 18.02
C ASN B 278 -8.78 -22.77 17.78
N LYS B 279 -7.81 -21.95 17.35
CA LYS B 279 -8.00 -20.51 17.24
C LYS B 279 -8.40 -20.10 15.82
N ARG B 280 -8.91 -21.05 15.06
CA ARG B 280 -9.31 -20.81 13.68
C ARG B 280 -10.16 -19.56 13.50
N ASP B 281 -10.73 -19.06 14.58
CA ASP B 281 -11.60 -17.88 14.51
C ASP B 281 -10.83 -16.56 14.65
N GLU B 282 -9.51 -16.65 14.77
CA GLU B 282 -8.64 -15.49 14.86
C GLU B 282 -7.76 -15.44 13.63
N LEU B 283 -8.14 -16.23 12.64
CA LEU B 283 -7.46 -16.29 11.38
C LEU B 283 -7.38 -14.89 10.78
N PRO B 284 -8.55 -14.28 10.47
CA PRO B 284 -8.61 -13.08 9.63
C PRO B 284 -7.76 -11.92 10.14
N LYS B 285 -7.69 -11.74 11.46
CA LYS B 285 -6.88 -10.67 12.03
C LYS B 285 -5.42 -11.06 11.93
N LEU B 286 -5.15 -12.34 12.09
CA LEU B 286 -3.80 -12.82 11.94
C LEU B 286 -3.34 -12.63 10.51
N GLN B 287 -4.26 -12.85 9.57
CA GLN B 287 -4.04 -12.54 8.16
C GLN B 287 -3.79 -11.06 7.96
N VAL B 288 -4.64 -10.22 8.54
CA VAL B 288 -4.47 -8.77 8.43
C VAL B 288 -3.08 -8.35 8.91
N GLY B 289 -2.73 -8.73 10.14
CA GLY B 289 -1.47 -8.33 10.73
C GLY B 289 -0.29 -8.74 9.88
N PHE B 290 -0.41 -9.90 9.24
CA PHE B 290 0.65 -10.45 8.42
C PHE B 290 0.80 -9.67 7.13
N ILE B 291 -0.33 -9.38 6.49
CA ILE B 291 -0.36 -8.59 5.27
C ILE B 291 0.26 -7.23 5.52
N ASP B 292 -0.09 -6.63 6.64
CA ASP B 292 0.47 -5.35 7.06
C ASP B 292 1.97 -5.48 7.30
N PHE B 293 2.32 -6.43 8.13
CA PHE B 293 3.72 -6.65 8.51
C PHE B 293 4.62 -7.06 7.32
N VAL B 294 4.12 -7.93 6.46
CA VAL B 294 5.01 -8.54 5.51
C VAL B 294 4.80 -8.07 4.08
N CYS B 295 3.55 -7.76 3.73
CA CYS B 295 3.18 -7.74 2.32
C CYS B 295 3.05 -6.37 1.68
N THR B 296 1.99 -5.63 2.02
CA THR B 296 1.76 -4.31 1.42
C THR B 296 3.08 -3.58 1.28
N GLN B 297 3.76 -3.41 2.42
CA GLN B 297 5.11 -2.89 2.44
C GLN B 297 5.91 -3.24 1.17
N LEU B 298 5.95 -4.52 0.82
CA LEU B 298 6.79 -5.04 -0.27
C LEU B 298 6.26 -4.80 -1.67
N TYR B 299 4.96 -5.00 -1.86
CA TYR B 299 4.38 -4.85 -3.18
C TYR B 299 4.32 -3.39 -3.58
N GLU B 300 4.22 -2.51 -2.58
CA GLU B 300 4.35 -1.08 -2.83
C GLU B 300 5.68 -0.82 -3.51
N ALA B 301 6.75 -1.19 -2.81
CA ALA B 301 8.10 -1.05 -3.32
C ALA B 301 8.19 -1.53 -4.76
N LEU B 302 7.78 -2.77 -4.98
CA LEU B 302 7.85 -3.39 -6.30
C LEU B 302 7.20 -2.58 -7.42
N THR B 303 6.20 -1.79 -7.06
CA THR B 303 5.54 -0.97 -8.06
C THR B 303 6.33 0.28 -8.38
N HIS B 304 6.96 0.87 -7.37
CA HIS B 304 7.84 2.00 -7.61
C HIS B 304 8.93 1.62 -8.60
N VAL B 305 9.36 0.37 -8.51
CA VAL B 305 10.36 -0.18 -9.42
C VAL B 305 9.76 -0.42 -10.78
N SER B 306 8.53 -0.94 -10.79
CA SER B 306 7.82 -1.17 -12.05
C SER B 306 6.34 -0.90 -11.87
N GLU B 307 5.82 0.08 -12.59
CA GLU B 307 4.42 0.47 -12.44
C GLU B 307 3.47 -0.64 -12.84
N ASP B 308 3.79 -1.33 -13.94
CA ASP B 308 2.92 -2.37 -14.47
C ASP B 308 2.76 -3.53 -13.50
N CYS B 309 3.44 -3.45 -12.36
CA CYS B 309 3.36 -4.50 -11.35
C CYS B 309 2.34 -4.17 -10.27
N PHE B 310 1.69 -3.02 -10.45
CA PHE B 310 0.67 -2.57 -9.53
C PHE B 310 -0.47 -3.54 -9.23
N PRO B 311 -0.90 -4.32 -10.24
CA PRO B 311 -2.05 -5.20 -9.98
C PRO B 311 -1.82 -6.02 -8.71
N LEU B 312 -0.56 -6.41 -8.48
CA LEU B 312 -0.18 -7.12 -7.28
C LEU B 312 -0.52 -6.34 -6.03
N LEU B 313 -0.13 -5.08 -6.00
CA LEU B 313 -0.44 -4.21 -4.87
C LEU B 313 -1.93 -4.04 -4.73
N ASP B 314 -2.61 -3.86 -5.86
CA ASP B 314 -4.04 -3.66 -5.81
C ASP B 314 -4.74 -4.87 -5.20
N GLY B 315 -4.49 -6.05 -5.78
CA GLY B 315 -5.07 -7.29 -5.28
C GLY B 315 -4.73 -7.59 -3.83
N CYS B 316 -3.57 -7.15 -3.39
CA CYS B 316 -3.15 -7.35 -2.01
C CYS B 316 -4.01 -6.57 -1.01
N ARG B 317 -3.98 -5.25 -1.12
CA ARG B 317 -4.79 -4.42 -0.24
C ARG B 317 -6.28 -4.73 -0.36
N LYS B 318 -6.69 -5.23 -1.52
CA LYS B 318 -8.07 -5.58 -1.76
C LYS B 318 -8.47 -6.75 -0.89
N ASN B 319 -7.56 -7.69 -0.70
CA ASN B 319 -7.82 -8.83 0.18
C ASN B 319 -7.68 -8.40 1.63
N ARG B 320 -6.72 -7.54 1.90
CA ARG B 320 -6.56 -7.03 3.25
C ARG B 320 -7.88 -6.45 3.70
N GLN B 321 -8.47 -5.66 2.81
CA GLN B 321 -9.81 -5.11 3.02
C GLN B 321 -10.77 -6.19 3.54
N LYS B 322 -10.88 -7.30 2.79
CA LYS B 322 -11.87 -8.32 3.10
C LYS B 322 -11.57 -9.13 4.36
N TRP B 323 -10.30 -9.35 4.65
CA TRP B 323 -9.93 -10.01 5.89
C TRP B 323 -10.28 -9.13 7.07
N GLN B 324 -9.99 -7.85 6.96
CA GLN B 324 -10.27 -6.93 8.05
C GLN B 324 -11.74 -6.96 8.37
N ALA B 325 -12.58 -6.84 7.35
CA ALA B 325 -14.01 -6.89 7.55
C ALA B 325 -14.37 -8.13 8.37
N LEU B 326 -13.93 -9.28 7.88
CA LEU B 326 -14.14 -10.55 8.53
C LEU B 326 -13.68 -10.59 9.97
N ALA B 327 -12.50 -10.06 10.21
CA ALA B 327 -11.94 -10.06 11.56
C ALA B 327 -12.92 -9.37 12.53
N GLU B 328 -13.74 -8.48 11.99
CA GLU B 328 -14.74 -7.78 12.78
C GLU B 328 -16.08 -8.51 12.69
N GLN B 329 -16.01 -9.78 12.31
CA GLN B 329 -17.17 -10.64 12.03
C GLN B 329 -18.18 -10.00 11.09
N GLU C 2 -15.44 38.01 -2.88
CA GLU C 2 -14.46 37.32 -3.71
C GLU C 2 -14.02 38.20 -4.86
N ALA C 3 -13.33 39.29 -4.52
CA ALA C 3 -12.82 40.22 -5.52
C ALA C 3 -11.30 40.08 -5.69
N PHE C 4 -10.90 39.70 -6.91
CA PHE C 4 -9.49 39.51 -7.24
C PHE C 4 -9.14 40.35 -8.47
N ASN C 5 -7.85 40.50 -8.76
CA ASN C 5 -7.39 41.18 -9.97
C ASN C 5 -8.05 40.62 -11.22
N HIS C 6 -8.49 41.48 -12.13
CA HIS C 6 -9.24 41.04 -13.32
C HIS C 6 -8.45 40.15 -14.28
N LEU C 7 -7.13 40.21 -14.20
CA LEU C 7 -6.28 39.36 -15.03
C LEU C 7 -6.33 37.91 -14.53
N GLU C 8 -6.32 37.76 -13.21
CA GLU C 8 -6.43 36.45 -12.57
C GLU C 8 -7.72 35.72 -12.95
N LEU C 9 -8.81 36.49 -13.03
CA LEU C 9 -10.17 35.94 -13.08
C LEU C 9 -10.44 34.71 -13.94
N HIS C 10 -9.86 34.62 -15.13
CA HIS C 10 -10.14 33.46 -15.96
C HIS C 10 -9.60 32.15 -15.39
N GLU C 11 -8.32 32.13 -15.04
CA GLU C 11 -7.70 30.97 -14.42
C GLU C 11 -8.46 30.57 -13.16
N LEU C 12 -8.79 31.56 -12.34
CA LEU C 12 -9.47 31.32 -11.08
C LEU C 12 -10.73 30.53 -11.31
N ALA C 13 -11.50 30.95 -12.31
CA ALA C 13 -12.81 30.38 -12.58
C ALA C 13 -12.75 29.01 -13.26
N GLN C 14 -11.76 28.82 -14.15
CA GLN C 14 -11.69 27.58 -14.92
C GLN C 14 -11.30 26.40 -14.02
N TYR C 15 -10.72 26.74 -12.88
CA TYR C 15 -10.63 25.84 -11.76
C TYR C 15 -11.81 26.18 -10.85
N GLY C 16 -12.19 25.27 -9.96
CA GLY C 16 -13.42 25.44 -9.21
C GLY C 16 -13.51 26.61 -8.24
N ILE C 17 -12.54 27.52 -8.29
CA ILE C 17 -12.42 28.57 -7.27
C ILE C 17 -13.34 29.77 -7.52
N ILE C 18 -13.50 30.58 -6.48
CA ILE C 18 -14.30 31.80 -6.49
C ILE C 18 -15.83 31.58 -6.62
N GLU D 2 19.67 -16.48 13.84
CA GLU D 2 18.43 -15.71 13.76
C GLU D 2 18.30 -14.77 14.94
N ALA D 3 19.21 -13.80 15.01
CA ALA D 3 19.19 -12.78 16.06
C ALA D 3 18.69 -11.41 15.56
N PHE D 4 17.57 -10.96 16.11
CA PHE D 4 16.96 -9.70 15.72
C PHE D 4 16.77 -8.85 16.96
N ASN D 5 16.44 -7.56 16.76
CA ASN D 5 16.11 -6.67 17.88
C ASN D 5 15.03 -7.26 18.79
N HIS D 6 15.21 -7.15 20.10
CA HIS D 6 14.28 -7.77 21.06
C HIS D 6 12.83 -7.22 21.03
N LEU D 7 12.68 -6.00 20.50
CA LEU D 7 11.35 -5.43 20.35
C LEU D 7 10.58 -6.10 19.22
N GLU D 8 11.28 -6.38 18.12
CA GLU D 8 10.71 -7.11 17.00
C GLU D 8 10.19 -8.50 17.39
N LEU D 9 10.92 -9.18 18.27
CA LEU D 9 10.72 -10.61 18.51
C LEU D 9 9.30 -11.16 18.60
N HIS D 10 8.39 -10.45 19.26
CA HIS D 10 7.04 -10.99 19.40
C HIS D 10 6.32 -11.11 18.06
N GLU D 11 6.26 -10.02 17.30
CA GLU D 11 5.66 -10.04 15.97
C GLU D 11 6.30 -11.09 15.08
N LEU D 12 7.61 -11.16 15.11
CA LEU D 12 8.35 -12.12 14.30
C LEU D 12 7.84 -13.52 14.54
N ALA D 13 7.68 -13.87 15.82
CA ALA D 13 7.32 -15.22 16.20
C ALA D 13 5.84 -15.56 15.98
N GLN D 14 4.95 -14.59 16.17
CA GLN D 14 3.52 -14.86 16.09
C GLN D 14 3.11 -15.13 14.65
N TYR D 15 3.96 -14.70 13.73
CA TYR D 15 3.93 -15.16 12.35
C TYR D 15 4.99 -16.24 12.30
N GLY D 16 4.98 -17.06 11.26
CA GLY D 16 5.80 -18.27 11.28
C GLY D 16 7.31 -18.10 11.21
N ILE D 17 7.78 -16.86 11.32
CA ILE D 17 9.19 -16.55 11.08
C ILE D 17 10.12 -16.89 12.23
N ILE D 18 11.42 -16.92 11.92
CA ILE D 18 12.49 -17.17 12.90
C ILE D 18 12.51 -18.59 13.47
ZN ZN E . -11.07 19.85 1.93
MG MG F . -13.09 23.20 2.31
N9 IBM G . -9.34 20.20 -7.27
C8 IBM G . -9.18 19.95 -8.59
N7 IBM G . -8.41 18.85 -8.75
C5 IBM G . -8.08 18.39 -7.53
C4 IBM G . -8.67 19.24 -6.62
N3 IBM G . -8.54 19.06 -5.30
C2 IBM G . -7.81 18.03 -4.81
N1 IBM G . -7.20 17.15 -5.64
C6 IBM G . -7.28 17.26 -6.98
O6 IBM G . -6.72 16.44 -7.75
O2 IBM G . -7.70 17.88 -3.57
C10 IBM G . -6.43 16.05 -5.03
C11 IBM G . -9.17 19.99 -4.36
C12 IBM G . -10.70 19.82 -4.37
C13 IBM G . -11.23 19.79 -2.94
C14 IBM G . -11.38 20.92 -5.18
N9 IBM H . -14.58 26.24 28.90
C8 IBM H . -13.33 25.74 29.09
N7 IBM H . -13.15 24.65 28.30
C5 IBM H . -14.30 24.46 27.61
C4 IBM H . -15.18 25.45 27.99
N3 IBM H . -16.43 25.54 27.47
C2 IBM H . -16.82 24.63 26.56
N1 IBM H . -16.02 23.63 26.13
C6 IBM H . -14.77 23.48 26.60
O6 IBM H . -14.05 22.55 26.18
O2 IBM H . -17.98 24.71 26.08
C10 IBM H . -16.50 22.67 25.13
C11 IBM H . -17.42 26.58 27.84
C12 IBM H . -17.02 27.52 28.98
C13 IBM H . -16.73 28.94 28.50
C14 IBM H . -18.11 27.54 30.05
N9 IBM I . -20.64 29.99 20.32
C8 IBM I . -21.58 29.08 20.68
N7 IBM I . -22.07 28.47 19.57
C5 IBM I . -21.43 28.99 18.49
C4 IBM I . -20.54 29.93 18.97
N3 IBM I . -19.73 30.64 18.15
C2 IBM I . -19.80 30.43 16.80
N1 IBM I . -20.65 29.52 16.23
C6 IBM I . -21.48 28.78 17.01
O6 IBM I . -22.27 27.94 16.52
O2 IBM I . -19.05 31.09 16.02
C10 IBM I . -20.65 29.36 14.76
C11 IBM I . -18.80 31.64 18.70
C12 IBM I . -17.90 31.04 19.78
C13 IBM I . -16.45 31.44 19.57
C14 IBM I . -18.35 31.42 21.19
ZN ZN J . 7.46 -20.91 -0.88
MG MG K . 10.43 -21.37 1.99
N9 IBM L . 1.86 -17.04 6.48
C8 IBM L . 0.73 -16.60 7.07
N7 IBM L . -0.19 -16.33 6.11
C5 IBM L . 0.36 -16.58 4.92
C4 IBM L . 1.63 -17.02 5.16
N3 IBM L . 2.46 -17.36 4.17
C2 IBM L . 2.06 -17.29 2.89
N1 IBM L . 0.82 -16.87 2.56
C6 IBM L . -0.06 -16.51 3.51
O6 IBM L . -1.23 -16.13 3.24
O2 IBM L . 2.84 -17.61 1.94
C10 IBM L . 0.46 -16.84 1.14
C11 IBM L . 3.80 -17.81 4.55
C12 IBM L . 3.99 -19.18 3.94
C13 IBM L . 5.45 -19.59 4.06
C14 IBM L . 3.02 -20.17 4.55
N9 IBM M . 27.48 -30.48 -15.04
C8 IBM M . 26.23 -30.95 -14.76
N7 IBM M . 25.32 -30.34 -15.58
C5 IBM M . 26.02 -29.48 -16.37
C4 IBM M . 27.35 -29.59 -16.03
N3 IBM M . 28.29 -28.84 -16.64
C2 IBM M . 27.95 -27.99 -17.62
N1 IBM M . 26.68 -27.83 -18.02
C6 IBM M . 25.67 -28.54 -17.45
O6 IBM M . 24.49 -28.41 -17.79
O2 IBM M . 28.84 -27.30 -18.19
C10 IBM M . 26.40 -26.88 -19.09
C11 IBM M . 29.70 -28.95 -16.28
C12 IBM M . 29.88 -28.56 -14.82
C13 IBM M . 30.47 -29.72 -14.02
C14 IBM M . 30.70 -27.28 -14.69
#